data_3X44
#
_entry.id   3X44
#
_cell.length_a   113.350
_cell.length_b   80.260
_cell.length_c   74.670
_cell.angle_alpha   90.00
_cell.angle_beta   117.96
_cell.angle_gamma   90.00
#
_symmetry.space_group_name_H-M   'C 1 2 1'
#
loop_
_entity.id
_entity.type
_entity.pdbx_description
1 polymer 'O-ureido-L-serine synthase'
2 non-polymer (E)-O-(carbamoylamino)-N-({3-hydroxy-2-methyl-5-[(phosphonooxy)methyl]pyridin-4-yl}methylidene)-L-serine
3 water water
#
_entity_poly.entity_id   1
_entity_poly.type   'polypeptide(L)'
_entity_poly.pdbx_seq_one_letter_code
;MPLFNSILDTIGRTPIVRLQRMAPEHTSVYVKVESFNPGGSVADRLALSVVLDAEAKGLLKPGDTIVECTSGNVGIALAM
VAAARGYRFVAVMGDTYSVERRKLIRAYGGKLVLFPGHLGSKGGNLIADELAEKYGWFRARQFDNPANPSYHRETTASEI
LADFAGKRLDHFVTGFGTTGTLTGVGQMLRVARPEVRVVALEPSNAAMLARGEWSPHQIQGLAPNFVPGVLDRSVIDDLV
TMDEVTARDTSRRLAAEEGIFAGISAGATVATALSIAEHAPEGTVLLAMLPDTGERYLSTFLFDGVDEGSDDAWLASLDT
GSGLLEHHHHHH
;
_entity_poly.pdbx_strand_id   A,B
#
loop_
_chem_comp.id
_chem_comp.type
_chem_comp.name
_chem_comp.formula
PUS non-polymer (E)-O-(carbamoylamino)-N-({3-hydroxy-2-methyl-5-[(phosphonooxy)methyl]pyridin-4-yl}methylidene)-L-serine 'C12 H17 N4 O9 P'
#
# COMPACT_ATOMS: atom_id res chain seq x y z
N PRO A 2 1.64 -16.78 -10.17
CA PRO A 2 0.43 -17.52 -10.58
C PRO A 2 -0.18 -16.95 -11.86
N LEU A 3 -0.96 -17.77 -12.53
CA LEU A 3 -1.62 -17.40 -13.77
C LEU A 3 -2.58 -16.23 -13.61
N PHE A 4 -2.69 -15.40 -14.65
CA PHE A 4 -3.58 -14.25 -14.64
C PHE A 4 -4.71 -14.55 -15.62
N ASN A 5 -5.93 -14.12 -15.28
CA ASN A 5 -7.07 -14.35 -16.15
C ASN A 5 -7.11 -13.29 -17.24
N SER A 6 -6.91 -12.04 -16.86
CA SER A 6 -6.92 -10.94 -17.82
C SER A 6 -5.63 -10.14 -17.76
N ILE A 7 -5.29 -9.51 -18.88
CA ILE A 7 -4.09 -8.69 -18.96
C ILE A 7 -4.24 -7.49 -18.01
N LEU A 8 -5.48 -7.11 -17.74
CA LEU A 8 -5.74 -5.98 -16.85
C LEU A 8 -5.40 -6.31 -15.40
N ASP A 9 -5.18 -7.60 -15.11
CA ASP A 9 -4.84 -8.00 -13.74
C ASP A 9 -3.35 -7.81 -13.46
N THR A 10 -2.62 -7.32 -14.46
CA THR A 10 -1.18 -7.08 -14.31
C THR A 10 -0.93 -5.59 -14.12
N ILE A 11 -2.00 -4.81 -14.05
CA ILE A 11 -1.87 -3.37 -13.87
C ILE A 11 -1.46 -3.04 -12.43
N GLY A 12 -0.51 -2.12 -12.30
CA GLY A 12 -0.05 -1.72 -10.98
C GLY A 12 1.13 -2.54 -10.51
N ARG A 13 1.44 -2.44 -9.22
CA ARG A 13 2.54 -3.15 -8.61
C ARG A 13 3.83 -3.01 -9.41
N THR A 14 4.21 -1.78 -9.69
CA THR A 14 5.42 -1.52 -10.45
C THR A 14 6.65 -1.44 -9.57
N PRO A 15 7.80 -1.87 -10.10
CA PRO A 15 9.03 -1.83 -9.33
C PRO A 15 9.57 -0.44 -9.07
N ILE A 16 10.27 -0.31 -7.94
CA ILE A 16 10.92 0.92 -7.56
C ILE A 16 12.38 0.47 -7.50
N VAL A 17 13.25 1.15 -8.23
CA VAL A 17 14.66 0.79 -8.27
C VAL A 17 15.58 1.97 -7.95
N ARG A 18 16.74 1.64 -7.40
CA ARG A 18 17.71 2.65 -7.04
C ARG A 18 18.58 3.03 -8.23
N LEU A 19 18.87 4.33 -8.37
CA LEU A 19 19.76 4.77 -9.44
C LEU A 19 21.16 4.42 -8.92
N GLN A 20 21.97 3.82 -9.77
CA GLN A 20 23.32 3.40 -9.38
C GLN A 20 24.46 4.39 -9.54
N ARG A 21 24.38 5.31 -10.50
CA ARG A 21 25.46 6.26 -10.67
C ARG A 21 25.07 7.72 -10.89
N MET A 22 23.80 7.99 -11.18
CA MET A 22 23.37 9.36 -11.44
C MET A 22 23.19 10.24 -10.21
N ALA A 23 22.93 9.62 -9.06
CA ALA A 23 22.72 10.39 -7.83
C ALA A 23 24.00 10.80 -7.12
N PRO A 24 23.97 11.98 -6.46
CA PRO A 24 25.15 12.46 -5.73
C PRO A 24 25.50 11.43 -4.66
N GLU A 25 26.80 11.15 -4.51
CA GLU A 25 27.30 10.15 -3.56
C GLU A 25 26.65 10.08 -2.18
N HIS A 26 26.42 11.24 -1.56
CA HIS A 26 25.84 11.27 -0.22
C HIS A 26 24.33 11.03 -0.15
N THR A 27 23.72 10.73 -1.29
CA THR A 27 22.28 10.49 -1.32
C THR A 27 21.88 9.22 -2.07
N SER A 28 20.59 8.94 -2.05
CA SER A 28 20.03 7.78 -2.72
C SER A 28 18.78 8.24 -3.46
N VAL A 29 18.72 7.93 -4.75
CA VAL A 29 17.57 8.31 -5.56
C VAL A 29 16.94 7.04 -6.11
N TYR A 30 15.65 6.87 -5.82
CA TYR A 30 14.92 5.71 -6.29
C TYR A 30 13.90 6.18 -7.31
N VAL A 31 13.48 5.31 -8.21
CA VAL A 31 12.50 5.67 -9.23
C VAL A 31 11.42 4.61 -9.41
N LYS A 32 10.16 5.06 -9.55
CA LYS A 32 9.03 4.16 -9.78
C LYS A 32 8.86 4.05 -11.28
N VAL A 33 9.07 2.84 -11.79
CA VAL A 33 9.00 2.56 -13.22
C VAL A 33 7.63 2.08 -13.69
N GLU A 34 6.76 3.04 -14.00
CA GLU A 34 5.40 2.76 -14.45
C GLU A 34 5.31 2.16 -15.86
N SER A 35 6.45 2.08 -16.55
CA SER A 35 6.48 1.51 -17.90
C SER A 35 6.15 0.03 -17.81
N PHE A 36 6.32 -0.54 -16.63
CA PHE A 36 6.04 -1.96 -16.41
C PHE A 36 4.55 -2.30 -16.48
N ASN A 37 3.70 -1.28 -16.56
CA ASN A 37 2.26 -1.51 -16.69
C ASN A 37 2.06 -2.04 -18.10
N PRO A 38 1.05 -2.89 -18.32
CA PRO A 38 0.80 -3.45 -19.66
C PRO A 38 0.62 -2.41 -20.76
N GLY A 39 0.05 -1.26 -20.40
CA GLY A 39 -0.14 -0.19 -21.36
C GLY A 39 1.13 0.62 -21.59
N GLY A 40 2.14 0.40 -20.78
CA GLY A 40 3.40 1.11 -20.93
C GLY A 40 3.51 2.41 -20.15
N SER A 41 2.55 2.68 -19.27
CA SER A 41 2.58 3.90 -18.48
C SER A 41 1.61 3.89 -17.31
N VAL A 42 1.77 4.89 -16.45
CA VAL A 42 0.95 5.06 -15.26
C VAL A 42 -0.54 5.26 -15.61
N ALA A 43 -0.82 5.66 -16.84
CA ALA A 43 -2.19 5.90 -17.29
C ALA A 43 -3.09 4.68 -17.12
N ASP A 44 -2.48 3.50 -17.10
CA ASP A 44 -3.23 2.27 -16.94
C ASP A 44 -4.05 2.23 -15.65
N ARG A 45 -3.51 2.84 -14.59
CA ARG A 45 -4.19 2.85 -13.31
C ARG A 45 -5.49 3.65 -13.36
N LEU A 46 -5.45 4.78 -14.05
CA LEU A 46 -6.62 5.62 -14.18
C LEU A 46 -7.65 4.97 -15.10
N ALA A 47 -7.20 4.46 -16.24
CA ALA A 47 -8.08 3.84 -17.21
C ALA A 47 -8.91 2.71 -16.61
N LEU A 48 -8.24 1.82 -15.87
CA LEU A 48 -8.91 0.69 -15.23
C LEU A 48 -9.88 1.19 -14.16
N SER A 49 -9.42 2.13 -13.35
CA SER A 49 -10.22 2.67 -12.27
C SER A 49 -11.51 3.33 -12.72
N VAL A 50 -11.41 4.22 -13.69
CA VAL A 50 -12.57 4.93 -14.20
C VAL A 50 -13.59 3.97 -14.82
N VAL A 51 -13.10 2.99 -15.57
CA VAL A 51 -13.94 2.01 -16.21
C VAL A 51 -14.64 1.11 -15.19
N LEU A 52 -13.88 0.60 -14.22
CA LEU A 52 -14.44 -0.26 -13.18
C LEU A 52 -15.49 0.51 -12.37
N ASP A 53 -15.17 1.75 -12.03
CA ASP A 53 -16.08 2.60 -11.26
C ASP A 53 -17.36 2.84 -12.03
N ALA A 54 -17.23 3.13 -13.32
CA ALA A 54 -18.36 3.38 -14.20
C ALA A 54 -19.24 2.14 -14.29
N GLU A 55 -18.61 0.97 -14.37
CA GLU A 55 -19.34 -0.29 -14.45
C GLU A 55 -20.15 -0.52 -13.17
N ALA A 56 -19.53 -0.29 -12.02
CA ALA A 56 -20.21 -0.51 -10.75
C ALA A 56 -21.34 0.49 -10.55
N LYS A 57 -21.26 1.61 -11.24
CA LYS A 57 -22.27 2.65 -11.14
C LYS A 57 -23.32 2.48 -12.23
N GLY A 58 -23.18 1.41 -13.02
CA GLY A 58 -24.11 1.13 -14.09
C GLY A 58 -24.08 2.12 -15.23
N LEU A 59 -22.96 2.83 -15.37
CA LEU A 59 -22.79 3.83 -16.42
C LEU A 59 -22.16 3.25 -17.69
N LEU A 60 -21.65 2.01 -17.60
CA LEU A 60 -21.02 1.37 -18.73
C LEU A 60 -21.57 -0.02 -18.98
N LYS A 61 -21.86 -0.32 -20.24
CA LYS A 61 -22.38 -1.62 -20.62
C LYS A 61 -21.60 -2.09 -21.84
N PRO A 62 -21.51 -3.40 -22.06
CA PRO A 62 -20.77 -3.92 -23.22
C PRO A 62 -21.18 -3.25 -24.53
N GLY A 63 -20.20 -2.86 -25.32
CA GLY A 63 -20.47 -2.20 -26.58
C GLY A 63 -20.56 -0.70 -26.46
N ASP A 64 -20.57 -0.20 -25.22
CA ASP A 64 -20.63 1.24 -24.98
C ASP A 64 -19.36 1.93 -25.49
N THR A 65 -19.48 3.22 -25.79
CA THR A 65 -18.35 3.99 -26.28
C THR A 65 -17.82 4.99 -25.26
N ILE A 66 -16.50 4.98 -25.07
CA ILE A 66 -15.85 5.89 -24.11
C ILE A 66 -15.07 6.94 -24.87
N VAL A 67 -15.22 8.19 -24.46
CA VAL A 67 -14.52 9.29 -25.11
C VAL A 67 -13.76 10.11 -24.07
N GLU A 68 -12.54 10.52 -24.43
CA GLU A 68 -11.71 11.29 -23.52
C GLU A 68 -10.68 12.16 -24.24
N CYS A 69 -10.41 13.33 -23.70
CA CYS A 69 -9.39 14.22 -24.26
C CYS A 69 -8.13 13.80 -23.52
N THR A 70 -7.07 13.48 -24.25
CA THR A 70 -5.86 13.00 -23.62
C THR A 70 -4.59 13.56 -24.26
N SER A 71 -3.49 13.54 -23.51
CA SER A 71 -2.19 13.97 -24.03
C SER A 71 -1.55 12.74 -24.67
N GLY A 72 -2.25 11.62 -24.62
CA GLY A 72 -1.73 10.39 -25.21
C GLY A 72 -1.85 9.12 -24.39
N ASN A 73 -1.14 9.05 -23.28
CA ASN A 73 -1.16 7.85 -22.43
C ASN A 73 -2.53 7.42 -21.96
N VAL A 74 -3.37 8.35 -21.54
CA VAL A 74 -4.69 7.92 -21.10
C VAL A 74 -5.45 7.34 -22.29
N GLY A 75 -5.26 7.92 -23.47
CA GLY A 75 -5.91 7.41 -24.66
C GLY A 75 -5.45 5.99 -24.95
N ILE A 76 -4.14 5.76 -24.81
CA ILE A 76 -3.58 4.43 -25.05
C ILE A 76 -4.15 3.42 -24.06
N ALA A 77 -4.16 3.78 -22.78
CA ALA A 77 -4.67 2.91 -21.74
C ALA A 77 -6.17 2.64 -21.87
N LEU A 78 -6.98 3.68 -22.02
CA LEU A 78 -8.41 3.48 -22.16
C LEU A 78 -8.67 2.58 -23.37
N ALA A 79 -7.88 2.77 -24.41
CA ALA A 79 -8.01 1.95 -25.62
C ALA A 79 -7.76 0.51 -25.25
N MET A 80 -6.68 0.28 -24.51
CA MET A 80 -6.31 -1.06 -24.05
C MET A 80 -7.38 -1.70 -23.16
N VAL A 81 -7.90 -0.95 -22.21
CA VAL A 81 -8.93 -1.47 -21.32
C VAL A 81 -10.19 -1.77 -22.15
N ALA A 82 -10.53 -0.86 -23.06
CA ALA A 82 -11.70 -1.03 -23.89
C ALA A 82 -11.57 -2.30 -24.74
N ALA A 83 -10.40 -2.50 -25.34
CA ALA A 83 -10.16 -3.68 -26.16
C ALA A 83 -10.27 -4.95 -25.34
N ALA A 84 -9.82 -4.89 -24.10
CA ALA A 84 -9.86 -6.06 -23.23
C ALA A 84 -11.25 -6.33 -22.65
N ARG A 85 -11.97 -5.27 -22.31
CA ARG A 85 -13.27 -5.42 -21.69
C ARG A 85 -14.50 -5.36 -22.60
N GLY A 86 -14.30 -5.16 -23.90
CA GLY A 86 -15.41 -5.11 -24.83
C GLY A 86 -16.07 -3.76 -24.99
N TYR A 87 -15.28 -2.70 -25.02
CA TYR A 87 -15.82 -1.35 -25.20
C TYR A 87 -15.24 -0.71 -26.46
N ARG A 88 -15.83 0.43 -26.83
CA ARG A 88 -15.37 1.20 -27.98
C ARG A 88 -14.76 2.44 -27.36
N PHE A 89 -13.67 2.94 -27.93
CA PHE A 89 -12.99 4.11 -27.40
C PHE A 89 -12.66 5.14 -28.49
N VAL A 90 -12.83 6.42 -28.14
CA VAL A 90 -12.55 7.52 -29.05
C VAL A 90 -11.65 8.51 -28.33
N ALA A 91 -10.44 8.72 -28.84
CA ALA A 91 -9.51 9.65 -28.22
C ALA A 91 -9.56 11.02 -28.88
N VAL A 92 -9.54 12.07 -28.04
CA VAL A 92 -9.54 13.45 -28.50
C VAL A 92 -8.15 13.94 -28.09
N MET A 93 -7.26 14.10 -29.06
CA MET A 93 -5.89 14.48 -28.75
C MET A 93 -5.31 15.62 -29.58
N GLY A 94 -4.52 16.47 -28.94
CA GLY A 94 -3.90 17.58 -29.64
C GLY A 94 -3.06 17.01 -30.76
N ASP A 95 -2.98 17.73 -31.88
CA ASP A 95 -2.22 17.25 -33.04
C ASP A 95 -0.70 17.31 -32.89
N THR A 96 -0.22 17.91 -31.80
CA THR A 96 1.22 18.02 -31.60
C THR A 96 1.86 16.93 -30.76
N TYR A 97 1.04 16.09 -30.12
CA TYR A 97 1.57 14.98 -29.31
C TYR A 97 2.19 13.95 -30.26
N SER A 98 3.15 13.18 -29.76
CA SER A 98 3.86 12.22 -30.62
C SER A 98 2.99 11.26 -31.40
N VAL A 99 3.40 10.96 -32.63
CA VAL A 99 2.65 10.07 -33.49
C VAL A 99 2.55 8.66 -32.91
N GLU A 100 3.54 8.28 -32.10
CA GLU A 100 3.53 6.97 -31.45
C GLU A 100 2.22 6.82 -30.67
N ARG A 101 1.78 7.92 -30.07
CA ARG A 101 0.54 7.93 -29.31
C ARG A 101 -0.64 7.65 -30.25
N ARG A 102 -0.65 8.30 -31.42
CA ARG A 102 -1.74 8.07 -32.37
C ARG A 102 -1.76 6.60 -32.81
N LYS A 103 -0.59 6.06 -33.08
CA LYS A 103 -0.50 4.68 -33.54
C LYS A 103 -0.87 3.68 -32.47
N LEU A 104 -0.48 3.96 -31.24
CA LEU A 104 -0.78 3.04 -30.14
C LEU A 104 -2.29 3.00 -29.89
N ILE A 105 -2.92 4.16 -29.91
CA ILE A 105 -4.36 4.23 -29.70
C ILE A 105 -5.02 3.39 -30.81
N ARG A 106 -4.55 3.58 -32.04
CA ARG A 106 -5.08 2.84 -33.17
C ARG A 106 -4.88 1.33 -33.02
N ALA A 107 -3.72 0.94 -32.53
CA ALA A 107 -3.40 -0.47 -32.34
C ALA A 107 -4.43 -1.19 -31.46
N TYR A 108 -4.83 -0.54 -30.38
CA TYR A 108 -5.81 -1.14 -29.48
C TYR A 108 -7.23 -1.04 -30.02
N GLY A 109 -7.37 -0.44 -31.20
CA GLY A 109 -8.68 -0.31 -31.81
C GLY A 109 -9.38 1.00 -31.50
N GLY A 110 -8.64 1.96 -30.93
CA GLY A 110 -9.25 3.23 -30.59
C GLY A 110 -9.47 4.13 -31.80
N LYS A 111 -10.35 5.11 -31.65
CA LYS A 111 -10.63 6.06 -32.71
C LYS A 111 -9.84 7.30 -32.35
N LEU A 112 -9.57 8.15 -33.34
CA LEU A 112 -8.78 9.35 -33.13
C LEU A 112 -9.41 10.65 -33.63
N VAL A 113 -9.52 11.63 -32.74
CA VAL A 113 -10.07 12.94 -33.09
C VAL A 113 -8.98 13.94 -32.72
N LEU A 114 -8.32 14.51 -33.72
CA LEU A 114 -7.26 15.47 -33.47
C LEU A 114 -7.78 16.89 -33.51
N PHE A 115 -7.05 17.79 -32.85
CA PHE A 115 -7.40 19.20 -32.82
C PHE A 115 -6.13 20.02 -32.65
N PRO A 116 -6.15 21.29 -33.06
CA PRO A 116 -4.96 22.15 -32.93
C PRO A 116 -4.40 22.16 -31.51
N GLY A 117 -3.22 21.56 -31.34
CA GLY A 117 -2.61 21.47 -30.04
C GLY A 117 -2.55 22.74 -29.21
N HIS A 118 -2.27 23.87 -29.86
CA HIS A 118 -2.18 25.13 -29.15
C HIS A 118 -3.38 25.46 -28.27
N LEU A 119 -4.51 24.80 -28.51
CA LEU A 119 -5.72 25.03 -27.72
C LEU A 119 -5.66 24.39 -26.33
N GLY A 120 -4.69 23.51 -26.13
CA GLY A 120 -4.54 22.85 -24.84
C GLY A 120 -5.67 21.88 -24.55
N SER A 121 -5.59 21.23 -23.39
CA SER A 121 -6.60 20.27 -22.99
C SER A 121 -7.93 20.97 -22.71
N LYS A 122 -7.90 22.27 -22.52
CA LYS A 122 -9.14 22.99 -22.27
C LYS A 122 -9.96 22.85 -23.54
N GLY A 123 -9.33 23.09 -24.68
CA GLY A 123 -10.01 22.99 -25.95
C GLY A 123 -10.43 21.55 -26.25
N GLY A 124 -9.58 20.60 -25.90
CA GLY A 124 -9.90 19.21 -26.13
C GLY A 124 -11.09 18.68 -25.34
N ASN A 125 -11.22 19.14 -24.10
CA ASN A 125 -12.31 18.71 -23.25
C ASN A 125 -13.65 19.16 -23.81
N LEU A 126 -13.66 20.34 -24.38
CA LEU A 126 -14.89 20.88 -24.95
C LEU A 126 -15.31 20.00 -26.11
N ILE A 127 -14.35 19.60 -26.93
CA ILE A 127 -14.66 18.73 -28.07
C ILE A 127 -15.18 17.40 -27.55
N ALA A 128 -14.48 16.84 -26.58
CA ALA A 128 -14.88 15.58 -25.99
C ALA A 128 -16.30 15.68 -25.44
N ASP A 129 -16.59 16.78 -24.75
CA ASP A 129 -17.92 16.99 -24.16
C ASP A 129 -18.99 17.08 -25.24
N GLU A 130 -18.69 17.84 -26.30
CA GLU A 130 -19.62 18.01 -27.39
C GLU A 130 -19.94 16.69 -28.08
N LEU A 131 -18.92 15.85 -28.27
CA LEU A 131 -19.12 14.56 -28.91
C LEU A 131 -20.01 13.66 -28.07
N ALA A 132 -19.77 13.68 -26.76
CA ALA A 132 -20.54 12.87 -25.84
C ALA A 132 -22.02 13.25 -25.89
N GLU A 133 -22.29 14.55 -25.84
CA GLU A 133 -23.67 15.03 -25.85
C GLU A 133 -24.40 14.69 -27.14
N LYS A 134 -23.64 14.67 -28.23
CA LYS A 134 -24.22 14.38 -29.54
C LYS A 134 -24.47 12.90 -29.76
N TYR A 135 -23.58 12.05 -29.24
CA TYR A 135 -23.72 10.62 -29.44
C TYR A 135 -23.99 9.77 -28.20
N GLY A 136 -23.99 10.39 -27.03
CA GLY A 136 -24.26 9.68 -25.79
C GLY A 136 -23.12 8.87 -25.21
N TRP A 137 -21.91 9.06 -25.73
CA TRP A 137 -20.74 8.33 -25.25
C TRP A 137 -20.42 8.65 -23.80
N PHE A 138 -19.75 7.73 -23.13
CA PHE A 138 -19.37 7.93 -21.73
C PHE A 138 -18.10 8.77 -21.69
N ARG A 139 -18.06 9.74 -20.78
CA ARG A 139 -16.90 10.61 -20.62
C ARG A 139 -16.10 10.16 -19.41
N ALA A 140 -14.82 9.88 -19.59
CA ALA A 140 -13.99 9.46 -18.48
C ALA A 140 -13.74 10.65 -17.53
N ARG A 141 -13.74 11.85 -18.08
CA ARG A 141 -13.52 13.08 -17.29
C ARG A 141 -12.33 12.91 -16.37
N GLN A 142 -11.18 12.53 -16.93
CA GLN A 142 -9.99 12.28 -16.13
C GLN A 142 -9.54 13.43 -15.22
N PHE A 143 -9.88 14.67 -15.57
CA PHE A 143 -9.46 15.80 -14.74
C PHE A 143 -10.38 16.09 -13.57
N ASP A 144 -11.52 15.40 -13.51
CA ASP A 144 -12.48 15.63 -12.44
C ASP A 144 -12.99 14.35 -11.79
N ASN A 145 -12.67 13.21 -12.37
CA ASN A 145 -13.14 11.94 -11.84
C ASN A 145 -12.40 11.49 -10.59
N PRO A 146 -13.12 11.41 -9.46
CA PRO A 146 -12.56 10.98 -8.17
C PRO A 146 -11.90 9.60 -8.28
N ALA A 147 -12.38 8.80 -9.22
CA ALA A 147 -11.84 7.45 -9.43
C ALA A 147 -10.38 7.48 -9.87
N ASN A 148 -9.91 8.65 -10.27
CA ASN A 148 -8.53 8.82 -10.72
C ASN A 148 -7.61 8.82 -9.50
N PRO A 149 -7.64 9.88 -8.68
CA PRO A 149 -6.77 9.92 -7.49
C PRO A 149 -6.99 8.76 -6.52
N SER A 150 -8.22 8.24 -6.48
CA SER A 150 -8.53 7.15 -5.57
C SER A 150 -7.76 5.87 -5.89
N TYR A 151 -7.57 5.55 -7.16
CA TYR A 151 -6.82 4.34 -7.47
C TYR A 151 -5.36 4.54 -7.09
N HIS A 152 -4.92 5.80 -7.04
CA HIS A 152 -3.53 6.10 -6.66
C HIS A 152 -3.34 5.98 -5.16
N ARG A 153 -4.39 6.32 -4.40
CA ARG A 153 -4.30 6.22 -2.96
C ARG A 153 -4.23 4.75 -2.58
N GLU A 154 -4.98 3.93 -3.31
CA GLU A 154 -5.06 2.51 -3.01
C GLU A 154 -3.98 1.60 -3.58
N THR A 155 -3.37 2.00 -4.69
CA THR A 155 -2.34 1.16 -5.28
C THR A 155 -0.97 1.83 -5.30
N THR A 156 -0.82 2.87 -6.10
CA THR A 156 0.44 3.60 -6.22
C THR A 156 1.04 3.98 -4.87
N ALA A 157 0.22 4.56 -4.01
CA ALA A 157 0.65 4.96 -2.69
C ALA A 157 0.95 3.76 -1.79
N SER A 158 0.15 2.70 -1.92
CA SER A 158 0.34 1.50 -1.10
C SER A 158 1.65 0.79 -1.44
N GLU A 159 2.01 0.80 -2.72
CA GLU A 159 3.23 0.15 -3.18
C GLU A 159 4.44 0.93 -2.66
N ILE A 160 4.33 2.26 -2.72
CA ILE A 160 5.41 3.13 -2.27
C ILE A 160 5.62 2.97 -0.76
N LEU A 161 4.55 3.04 0.02
CA LEU A 161 4.65 2.90 1.46
C LEU A 161 5.14 1.53 1.91
N ALA A 162 4.70 0.49 1.22
CA ALA A 162 5.11 -0.87 1.55
C ALA A 162 6.60 -1.04 1.30
N ASP A 163 7.08 -0.54 0.16
CA ASP A 163 8.48 -0.65 -0.19
C ASP A 163 9.40 0.12 0.76
N PHE A 164 8.91 1.26 1.26
CA PHE A 164 9.72 2.08 2.15
C PHE A 164 9.41 1.90 3.64
N ALA A 165 8.52 0.96 3.96
CA ALA A 165 8.17 0.73 5.36
C ALA A 165 9.42 0.34 6.14
N GLY A 166 9.66 1.05 7.25
CA GLY A 166 10.81 0.77 8.07
C GLY A 166 12.09 1.33 7.49
N LYS A 167 11.96 2.10 6.40
CA LYS A 167 13.11 2.69 5.73
C LYS A 167 13.02 4.20 5.59
N ARG A 168 14.17 4.83 5.35
CA ARG A 168 14.23 6.28 5.22
C ARG A 168 13.74 6.79 3.85
N LEU A 169 12.86 7.79 3.90
CA LEU A 169 12.32 8.42 2.70
C LEU A 169 12.12 9.89 3.06
N ASP A 170 12.77 10.77 2.32
CA ASP A 170 12.70 12.21 2.56
C ASP A 170 11.90 13.06 1.57
N HIS A 171 11.96 12.70 0.29
CA HIS A 171 11.23 13.47 -0.73
C HIS A 171 10.56 12.58 -1.75
N PHE A 172 9.35 12.97 -2.16
CA PHE A 172 8.58 12.26 -3.17
C PHE A 172 8.46 13.27 -4.33
N VAL A 173 8.95 12.90 -5.50
CA VAL A 173 8.91 13.83 -6.63
C VAL A 173 8.02 13.43 -7.79
N THR A 174 7.19 14.35 -8.24
CA THR A 174 6.31 14.07 -9.35
C THR A 174 5.85 15.33 -10.08
N GLY A 175 5.51 15.17 -11.34
CA GLY A 175 5.00 16.29 -12.10
C GLY A 175 3.50 16.03 -12.09
N PHE A 176 2.74 16.72 -12.95
CA PHE A 176 1.31 16.48 -12.98
C PHE A 176 0.62 16.92 -14.25
N GLY A 177 -0.41 16.16 -14.61
CA GLY A 177 -1.24 16.47 -15.76
C GLY A 177 -2.61 16.64 -15.14
N THR A 178 -3.23 15.52 -14.73
CA THR A 178 -4.53 15.57 -14.08
C THR A 178 -4.33 15.81 -12.57
N THR A 179 -3.10 15.56 -12.11
CA THR A 179 -2.69 15.66 -10.70
C THR A 179 -3.23 14.48 -9.89
N GLY A 180 -3.81 13.51 -10.56
CA GLY A 180 -4.33 12.35 -9.85
C GLY A 180 -3.24 11.61 -9.08
N THR A 181 -2.05 11.53 -9.66
CA THR A 181 -0.94 10.84 -9.01
C THR A 181 -0.51 11.63 -7.79
N LEU A 182 -0.26 12.91 -7.99
CA LEU A 182 0.16 13.80 -6.92
C LEU A 182 -0.85 13.91 -5.78
N THR A 183 -2.13 13.95 -6.11
CA THR A 183 -3.15 14.05 -5.08
C THR A 183 -3.37 12.74 -4.34
N GLY A 184 -3.50 11.64 -5.09
CA GLY A 184 -3.70 10.34 -4.48
C GLY A 184 -2.55 9.90 -3.58
N VAL A 185 -1.33 10.00 -4.10
CA VAL A 185 -0.17 9.62 -3.31
C VAL A 185 0.10 10.65 -2.21
N GLY A 186 -0.01 11.93 -2.56
CA GLY A 186 0.24 12.99 -1.61
C GLY A 186 -0.63 12.91 -0.37
N GLN A 187 -1.89 12.51 -0.56
CA GLN A 187 -2.84 12.41 0.55
C GLN A 187 -2.58 11.24 1.49
N MET A 188 -2.08 10.12 0.94
CA MET A 188 -1.79 8.96 1.77
C MET A 188 -0.48 9.22 2.50
N LEU A 189 0.44 9.92 1.83
CA LEU A 189 1.72 10.26 2.43
C LEU A 189 1.47 11.18 3.62
N ARG A 190 0.46 12.05 3.48
CA ARG A 190 0.12 13.00 4.55
C ARG A 190 -0.26 12.29 5.84
N VAL A 191 -1.03 11.21 5.71
CA VAL A 191 -1.47 10.46 6.88
C VAL A 191 -0.42 9.53 7.48
N ALA A 192 0.27 8.79 6.63
CA ALA A 192 1.27 7.84 7.11
C ALA A 192 2.68 8.38 7.32
N ARG A 193 3.17 9.22 6.41
CA ARG A 193 4.51 9.78 6.53
C ARG A 193 4.55 11.28 6.25
N PRO A 194 3.92 12.07 7.13
CA PRO A 194 3.87 13.53 7.00
C PRO A 194 5.24 14.21 6.92
N GLU A 195 6.29 13.50 7.31
CA GLU A 195 7.63 14.06 7.28
C GLU A 195 8.17 14.15 5.85
N VAL A 196 7.70 13.26 4.99
CA VAL A 196 8.12 13.24 3.59
C VAL A 196 7.71 14.53 2.87
N ARG A 197 8.67 15.14 2.17
CA ARG A 197 8.39 16.37 1.43
C ARG A 197 7.82 16.01 0.06
N VAL A 198 6.63 16.53 -0.21
CA VAL A 198 5.96 16.27 -1.48
C VAL A 198 6.34 17.39 -2.45
N VAL A 199 7.13 17.03 -3.46
CA VAL A 199 7.61 17.97 -4.46
C VAL A 199 6.89 17.84 -5.79
N ALA A 200 6.17 18.89 -6.19
CA ALA A 200 5.45 18.88 -7.46
C ALA A 200 6.06 19.89 -8.41
N LEU A 201 6.49 19.43 -9.57
CA LEU A 201 7.11 20.33 -10.53
C LEU A 201 6.19 20.62 -11.70
N GLU A 202 6.46 21.73 -12.37
CA GLU A 202 5.69 22.14 -13.54
C GLU A 202 6.75 22.52 -14.58
N PRO A 203 6.39 22.49 -15.87
CA PRO A 203 7.38 22.86 -16.89
C PRO A 203 7.70 24.34 -16.74
N SER A 204 8.95 24.72 -16.97
CA SER A 204 9.37 26.12 -16.85
C SER A 204 8.44 27.02 -17.65
N ASN A 205 7.99 26.53 -18.80
CA ASN A 205 7.12 27.32 -19.68
C ASN A 205 5.61 27.09 -19.49
N ALA A 206 5.23 26.37 -18.44
CA ALA A 206 3.82 26.11 -18.20
C ALA A 206 3.51 26.05 -16.71
N ALA A 207 3.99 27.05 -15.98
CA ALA A 207 3.77 27.12 -14.55
C ALA A 207 2.37 27.65 -14.29
N MET A 208 1.38 26.82 -14.60
CA MET A 208 -0.03 27.17 -14.44
C MET A 208 -0.43 27.36 -12.98
N LEU A 209 -0.02 26.43 -12.11
CA LEU A 209 -0.37 26.50 -10.71
C LEU A 209 0.43 27.54 -9.93
N ALA A 210 1.71 27.65 -10.24
CA ALA A 210 2.57 28.61 -9.55
C ALA A 210 2.32 30.06 -9.96
N ARG A 211 2.24 30.31 -11.27
CA ARG A 211 2.02 31.66 -11.75
C ARG A 211 0.86 31.85 -12.71
N GLY A 212 0.10 30.78 -12.96
CA GLY A 212 -1.02 30.90 -13.87
C GLY A 212 -0.58 31.07 -15.31
N GLU A 213 0.57 30.48 -15.64
CA GLU A 213 1.11 30.59 -16.99
C GLU A 213 0.98 29.28 -17.78
N TRP A 214 0.72 29.40 -19.07
CA TRP A 214 0.64 28.23 -19.93
C TRP A 214 1.03 28.53 -21.36
N SER A 215 1.73 27.59 -21.94
CA SER A 215 2.18 27.68 -23.32
C SER A 215 2.40 26.26 -23.78
N PRO A 216 2.15 25.96 -25.06
CA PRO A 216 2.38 24.59 -25.49
C PRO A 216 3.84 24.27 -25.11
N HIS A 217 4.09 23.07 -24.61
CA HIS A 217 5.43 22.70 -24.19
C HIS A 217 5.77 21.28 -24.62
N GLN A 218 7.02 20.88 -24.42
CA GLN A 218 7.48 19.56 -24.85
C GLN A 218 7.47 18.44 -23.82
N ILE A 219 7.05 18.71 -22.59
CA ILE A 219 7.02 17.63 -21.61
C ILE A 219 5.66 16.96 -21.65
N GLN A 220 5.41 16.28 -22.76
CA GLN A 220 4.16 15.58 -23.04
C GLN A 220 3.56 14.87 -21.84
N GLY A 221 2.31 15.18 -21.56
CA GLY A 221 1.63 14.54 -20.45
C GLY A 221 1.41 15.49 -19.28
N LEU A 222 2.23 16.52 -19.18
CA LEU A 222 2.13 17.47 -18.08
C LEU A 222 1.45 18.79 -18.44
N ALA A 223 1.11 19.50 -17.37
CA ALA A 223 0.54 20.82 -17.40
C ALA A 223 -0.54 21.19 -18.41
N PRO A 224 -1.80 20.85 -18.10
CA PRO A 224 -2.91 21.19 -19.01
C PRO A 224 -3.12 22.71 -18.80
N ASN A 225 -3.83 23.38 -19.70
CA ASN A 225 -4.02 24.82 -19.53
C ASN A 225 -5.17 25.23 -18.61
N PHE A 226 -5.24 24.59 -17.45
CA PHE A 226 -6.25 24.88 -16.43
C PHE A 226 -5.86 24.09 -15.18
N VAL A 227 -6.45 24.44 -14.04
CA VAL A 227 -6.18 23.73 -12.80
C VAL A 227 -7.23 22.63 -12.67
N PRO A 228 -6.81 21.35 -12.71
CA PRO A 228 -7.73 20.22 -12.61
C PRO A 228 -8.55 20.17 -11.32
N GLY A 229 -9.81 19.77 -11.47
CA GLY A 229 -10.71 19.67 -10.33
C GLY A 229 -10.31 18.66 -9.26
N VAL A 230 -9.66 17.56 -9.64
CA VAL A 230 -9.28 16.56 -8.65
C VAL A 230 -8.13 17.00 -7.74
N LEU A 231 -7.44 18.07 -8.12
CA LEU A 231 -6.30 18.54 -7.34
C LEU A 231 -6.53 18.99 -5.90
N ASP A 232 -5.76 18.43 -4.98
CA ASP A 232 -5.83 18.85 -3.59
C ASP A 232 -4.48 19.53 -3.33
N ARG A 233 -4.47 20.83 -3.58
CA ARG A 233 -3.28 21.65 -3.45
C ARG A 233 -2.58 21.53 -2.10
N SER A 234 -3.34 21.18 -1.06
CA SER A 234 -2.79 21.06 0.28
C SER A 234 -1.72 19.98 0.50
N VAL A 235 -1.60 19.02 -0.42
CA VAL A 235 -0.60 17.97 -0.26
C VAL A 235 0.81 18.39 -0.69
N ILE A 236 0.91 19.53 -1.35
CA ILE A 236 2.19 20.02 -1.85
C ILE A 236 3.01 20.83 -0.84
N ASP A 237 4.28 20.43 -0.66
CA ASP A 237 5.20 21.13 0.24
C ASP A 237 6.13 21.98 -0.61
N ASP A 238 6.52 21.46 -1.77
CA ASP A 238 7.41 22.17 -2.66
C ASP A 238 6.87 22.21 -4.08
N LEU A 239 6.59 23.43 -4.57
CA LEU A 239 6.10 23.64 -5.93
C LEU A 239 7.25 24.28 -6.71
N VAL A 240 7.85 23.50 -7.61
CA VAL A 240 9.01 23.95 -8.39
C VAL A 240 8.78 23.86 -9.89
N THR A 241 9.79 24.29 -10.66
CA THR A 241 9.74 24.23 -12.11
C THR A 241 10.92 23.43 -12.63
N MET A 242 10.81 22.99 -13.88
CA MET A 242 11.85 22.22 -14.56
C MET A 242 11.68 22.51 -16.04
N ASP A 243 12.78 22.87 -16.70
CA ASP A 243 12.73 23.17 -18.13
C ASP A 243 12.77 21.89 -18.94
N GLU A 244 12.07 21.90 -20.07
CA GLU A 244 11.97 20.73 -20.92
C GLU A 244 13.29 20.16 -21.43
N VAL A 245 14.24 21.02 -21.76
CA VAL A 245 15.53 20.56 -22.26
C VAL A 245 16.27 19.76 -21.19
N THR A 246 16.34 20.30 -19.98
CA THR A 246 17.00 19.60 -18.89
C THR A 246 16.34 18.23 -18.70
N ALA A 247 15.01 18.21 -18.79
CA ALA A 247 14.25 16.97 -18.62
C ALA A 247 14.63 15.96 -19.70
N ARG A 248 14.69 16.45 -20.93
CA ARG A 248 15.04 15.64 -22.10
C ARG A 248 16.43 15.05 -21.93
N ASP A 249 17.37 15.88 -21.48
CA ASP A 249 18.74 15.45 -21.28
C ASP A 249 18.85 14.44 -20.14
N THR A 250 18.00 14.59 -19.13
CA THR A 250 18.01 13.69 -17.99
C THR A 250 17.45 12.32 -18.38
N SER A 251 16.49 12.31 -19.29
CA SER A 251 15.91 11.06 -19.76
C SER A 251 16.99 10.31 -20.54
N ARG A 252 17.78 11.06 -21.29
CA ARG A 252 18.87 10.50 -22.07
C ARG A 252 19.88 9.86 -21.14
N ARG A 253 20.23 10.59 -20.08
CA ARG A 253 21.20 10.12 -19.09
C ARG A 253 20.73 8.85 -18.39
N LEU A 254 19.44 8.76 -18.13
CA LEU A 254 18.88 7.60 -17.46
C LEU A 254 19.09 6.34 -18.29
N ALA A 255 18.70 6.41 -19.56
CA ALA A 255 18.84 5.28 -20.46
C ALA A 255 20.30 4.88 -20.71
N ALA A 256 21.18 5.87 -20.87
CA ALA A 256 22.58 5.59 -21.15
C ALA A 256 23.49 5.36 -19.93
N GLU A 257 23.05 5.83 -18.75
CA GLU A 257 23.85 5.69 -17.54
C GLU A 257 23.26 4.72 -16.52
N GLU A 258 21.99 4.36 -16.70
CA GLU A 258 21.36 3.45 -15.75
C GLU A 258 20.59 2.33 -16.44
N GLY A 259 20.46 2.41 -17.76
CA GLY A 259 19.72 1.38 -18.46
C GLY A 259 18.22 1.50 -18.24
N ILE A 260 17.76 2.71 -17.91
CA ILE A 260 16.33 2.94 -17.71
C ILE A 260 15.85 3.93 -18.77
N PHE A 261 15.03 3.44 -19.68
CA PHE A 261 14.50 4.22 -20.79
C PHE A 261 13.09 4.71 -20.50
N ALA A 262 12.97 6.01 -20.22
CA ALA A 262 11.68 6.60 -19.88
C ALA A 262 11.36 7.86 -20.67
N GLY A 263 10.14 8.36 -20.51
CA GLY A 263 9.73 9.55 -21.24
C GLY A 263 10.29 10.87 -20.73
N ILE A 264 9.77 11.97 -21.27
CA ILE A 264 10.22 13.30 -20.89
C ILE A 264 9.85 13.66 -19.46
N SER A 265 8.58 13.48 -19.12
CA SER A 265 8.14 13.81 -17.76
C SER A 265 8.96 13.00 -16.77
N ALA A 266 9.41 11.83 -17.20
CA ALA A 266 10.23 10.98 -16.35
C ALA A 266 11.58 11.67 -16.12
N GLY A 267 12.17 12.16 -17.20
CA GLY A 267 13.45 12.84 -17.07
C GLY A 267 13.29 14.09 -16.22
N ALA A 268 12.10 14.69 -16.25
CA ALA A 268 11.84 15.89 -15.49
C ALA A 268 11.90 15.64 -14.00
N THR A 269 11.13 14.65 -13.53
CA THR A 269 11.10 14.31 -12.10
C THR A 269 12.49 13.93 -11.58
N VAL A 270 13.20 13.10 -12.32
CA VAL A 270 14.54 12.70 -11.91
C VAL A 270 15.45 13.93 -11.81
N ALA A 271 15.36 14.81 -12.82
CA ALA A 271 16.16 16.03 -12.87
C ALA A 271 15.91 16.86 -11.62
N THR A 272 14.64 17.03 -11.28
CA THR A 272 14.27 17.79 -10.10
C THR A 272 14.86 17.14 -8.85
N ALA A 273 14.69 15.81 -8.76
CA ALA A 273 15.20 15.06 -7.63
C ALA A 273 16.72 15.20 -7.49
N LEU A 274 17.42 15.17 -8.62
CA LEU A 274 18.86 15.29 -8.62
C LEU A 274 19.26 16.68 -8.16
N SER A 275 18.43 17.67 -8.52
CA SER A 275 18.68 19.05 -8.14
C SER A 275 18.59 19.19 -6.63
N ILE A 276 17.57 18.58 -6.04
CA ILE A 276 17.39 18.64 -4.60
C ILE A 276 18.50 17.84 -3.89
N ALA A 277 18.88 16.71 -4.48
CA ALA A 277 19.90 15.86 -3.91
C ALA A 277 21.26 16.55 -3.81
N GLU A 278 21.55 17.39 -4.80
CA GLU A 278 22.80 18.15 -4.87
C GLU A 278 23.11 18.92 -3.59
N HIS A 279 22.12 19.64 -3.07
CA HIS A 279 22.31 20.44 -1.87
C HIS A 279 21.63 19.87 -0.63
N ALA A 280 21.35 18.57 -0.63
CA ALA A 280 20.69 17.93 0.51
C ALA A 280 21.67 17.29 1.49
N PRO A 281 21.27 17.13 2.76
CA PRO A 281 22.16 16.51 3.75
C PRO A 281 22.45 15.05 3.43
N GLU A 282 23.59 14.56 3.91
CA GLU A 282 23.98 13.18 3.66
C GLU A 282 22.92 12.21 4.17
N GLY A 283 22.70 11.12 3.44
CA GLY A 283 21.70 10.14 3.82
C GLY A 283 20.33 10.38 3.23
N THR A 284 20.11 11.57 2.68
CA THR A 284 18.83 11.94 2.09
C THR A 284 18.38 10.95 1.02
N VAL A 285 17.15 10.45 1.16
CA VAL A 285 16.59 9.50 0.20
C VAL A 285 15.42 10.13 -0.56
N LEU A 286 15.44 10.02 -1.88
CA LEU A 286 14.40 10.60 -2.71
C LEU A 286 13.78 9.58 -3.67
N LEU A 287 12.50 9.76 -3.95
CA LEU A 287 11.76 8.89 -4.87
C LEU A 287 11.15 9.72 -5.98
N ALA A 288 11.43 9.33 -7.23
CA ALA A 288 10.92 10.02 -8.40
C ALA A 288 10.05 9.11 -9.27
N MET A 289 8.93 9.66 -9.75
CA MET A 289 8.01 8.91 -10.61
C MET A 289 8.46 8.97 -12.07
N LEU A 290 8.44 7.81 -12.73
CA LEU A 290 8.79 7.71 -14.15
C LEU A 290 7.47 7.19 -14.75
N PRO A 291 6.63 8.12 -15.22
CA PRO A 291 5.31 7.83 -15.81
C PRO A 291 5.21 6.86 -16.99
N ASP A 292 6.16 6.89 -17.90
CA ASP A 292 6.07 6.00 -19.05
C ASP A 292 7.39 5.60 -19.68
N THR A 293 7.28 4.73 -20.68
CA THR A 293 8.44 4.22 -21.41
C THR A 293 8.89 5.30 -22.39
N GLY A 294 10.18 5.30 -22.70
CA GLY A 294 10.68 6.27 -23.66
C GLY A 294 10.37 5.86 -25.10
N GLU A 295 9.91 4.64 -25.29
CA GLU A 295 9.61 4.15 -26.65
C GLU A 295 8.52 4.88 -27.44
N ARG A 296 7.72 5.71 -26.79
CA ARG A 296 6.71 6.45 -27.55
C ARG A 296 7.18 7.88 -27.80
N TYR A 297 8.49 8.07 -27.74
CA TYR A 297 9.11 9.38 -27.94
C TYR A 297 10.21 9.35 -29.01
N LEU A 298 10.29 8.25 -29.75
CA LEU A 298 11.29 8.11 -30.79
C LEU A 298 11.24 9.27 -31.78
N SER A 299 10.05 9.79 -32.03
CA SER A 299 9.83 10.87 -32.98
C SER A 299 9.86 12.25 -32.33
N THR A 300 10.20 12.32 -31.05
CA THR A 300 10.23 13.59 -30.36
C THR A 300 11.65 14.14 -30.24
N PHE A 301 11.78 15.33 -29.66
CA PHE A 301 13.09 15.94 -29.53
C PHE A 301 14.02 15.15 -28.62
N LEU A 302 13.50 14.06 -28.07
CA LEU A 302 14.31 13.22 -27.21
C LEU A 302 15.39 12.59 -28.07
N PHE A 303 15.08 12.46 -29.36
CA PHE A 303 16.02 11.86 -30.31
C PHE A 303 16.58 12.84 -31.33
N ASP A 304 16.55 14.13 -31.00
CA ASP A 304 17.10 15.15 -31.89
C ASP A 304 18.61 14.88 -31.98
N GLY A 305 19.14 14.80 -33.19
CA GLY A 305 20.56 14.55 -33.36
C GLY A 305 20.97 13.09 -33.31
N VAL A 306 20.01 12.19 -33.12
CA VAL A 306 20.32 10.77 -33.06
C VAL A 306 20.60 10.22 -34.44
N ASP A 307 21.74 9.54 -34.57
CA ASP A 307 22.18 8.96 -35.83
C ASP A 307 21.59 7.58 -36.07
N GLU A 308 20.82 7.44 -37.14
CA GLU A 308 20.21 6.15 -37.47
C GLU A 308 21.10 5.34 -38.42
N GLY A 309 22.21 5.93 -38.82
CA GLY A 309 23.13 5.26 -39.75
C GLY A 309 24.23 4.45 -39.07
N SER A 310 25.06 3.80 -39.90
CA SER A 310 26.16 2.99 -39.39
C SER A 310 27.28 3.85 -38.83
N ASP A 311 27.98 3.33 -37.81
CA ASP A 311 29.08 4.06 -37.19
C ASP A 311 30.40 3.88 -37.95
N ASP A 312 30.34 4.01 -39.26
CA ASP A 312 31.54 3.87 -40.09
C ASP A 312 32.64 4.83 -39.65
N ALA A 313 32.24 6.05 -39.30
CA ALA A 313 33.18 7.08 -38.87
C ALA A 313 33.84 6.69 -37.55
N TRP A 314 33.05 6.24 -36.60
CA TRP A 314 33.59 5.84 -35.31
C TRP A 314 34.61 4.71 -35.51
N LEU A 315 34.23 3.70 -36.28
CA LEU A 315 35.11 2.58 -36.55
C LEU A 315 36.44 3.04 -37.11
N ALA A 316 36.39 4.01 -38.02
CA ALA A 316 37.61 4.55 -38.61
C ALA A 316 38.40 5.31 -37.54
N SER A 317 37.69 6.06 -36.73
CA SER A 317 38.32 6.84 -35.66
C SER A 317 39.16 5.97 -34.75
N LEU A 318 38.88 4.67 -34.75
CA LEU A 318 39.61 3.72 -33.92
C LEU A 318 41.00 3.38 -34.48
N ASP A 319 41.02 2.96 -35.73
CA ASP A 319 42.28 2.59 -36.38
C ASP A 319 43.36 3.65 -36.24
N THR A 320 42.98 4.91 -36.42
CA THR A 320 43.91 6.02 -36.32
C THR A 320 44.35 6.31 -34.88
N GLY A 321 44.76 7.55 -34.65
CA GLY A 321 45.19 7.97 -33.33
C GLY A 321 44.73 9.38 -33.05
N SER A 322 43.49 9.66 -33.43
CA SER A 322 42.88 10.98 -33.25
C SER A 322 43.08 11.55 -31.86
N PRO B 2 12.69 -13.86 -5.60
CA PRO B 2 14.12 -13.57 -5.39
C PRO B 2 14.59 -13.93 -3.99
N LEU B 3 15.89 -14.10 -3.85
CA LEU B 3 16.51 -14.44 -2.58
C LEU B 3 16.34 -13.33 -1.57
N PHE B 4 16.27 -13.71 -0.30
CA PHE B 4 16.12 -12.77 0.81
C PHE B 4 17.39 -12.80 1.64
N ASN B 5 17.78 -11.65 2.15
CA ASN B 5 18.98 -11.57 2.98
C ASN B 5 18.67 -12.09 4.38
N SER B 6 17.78 -11.37 5.06
CA SER B 6 17.39 -11.72 6.42
C SER B 6 16.00 -12.34 6.43
N ILE B 7 15.77 -13.23 7.39
CA ILE B 7 14.46 -13.84 7.49
C ILE B 7 13.46 -12.71 7.82
N LEU B 8 13.98 -11.63 8.41
CA LEU B 8 13.15 -10.47 8.76
C LEU B 8 12.59 -9.76 7.54
N ASP B 9 13.15 -10.08 6.37
CA ASP B 9 12.70 -9.46 5.14
C ASP B 9 11.41 -10.10 4.64
N THR B 10 10.99 -11.19 5.27
CA THR B 10 9.76 -11.87 4.86
C THR B 10 8.55 -11.42 5.66
N ILE B 11 8.76 -10.48 6.58
CA ILE B 11 7.66 -9.97 7.39
C ILE B 11 6.69 -9.14 6.55
N GLY B 12 5.40 -9.36 6.77
CA GLY B 12 4.38 -8.62 6.03
C GLY B 12 3.98 -9.26 4.72
N ARG B 13 3.24 -8.50 3.90
CA ARG B 13 2.75 -9.00 2.62
C ARG B 13 2.09 -10.37 2.80
N THR B 14 1.14 -10.45 3.71
CA THR B 14 0.42 -11.70 3.98
C THR B 14 -0.79 -11.85 3.07
N PRO B 15 -1.15 -13.09 2.75
CA PRO B 15 -2.29 -13.37 1.87
C PRO B 15 -3.67 -13.10 2.45
N ILE B 16 -4.57 -12.65 1.58
CA ILE B 16 -5.95 -12.43 1.96
C ILE B 16 -6.67 -13.49 1.16
N VAL B 17 -7.31 -14.43 1.84
CA VAL B 17 -8.01 -15.50 1.17
C VAL B 17 -9.51 -15.45 1.43
N ARG B 18 -10.28 -15.99 0.49
CA ARG B 18 -11.72 -15.99 0.57
C ARG B 18 -12.27 -17.25 1.25
N LEU B 19 -13.26 -17.06 2.12
CA LEU B 19 -13.87 -18.20 2.78
C LEU B 19 -14.78 -18.86 1.74
N GLN B 20 -14.60 -20.16 1.55
CA GLN B 20 -15.34 -20.93 0.56
C GLN B 20 -16.73 -21.43 0.94
N ARG B 21 -16.98 -21.70 2.22
CA ARG B 21 -18.29 -22.18 2.63
C ARG B 21 -18.90 -21.54 3.86
N MET B 22 -18.06 -20.98 4.72
CA MET B 22 -18.54 -20.36 5.96
C MET B 22 -19.37 -19.09 5.85
N ALA B 23 -19.21 -18.36 4.76
CA ALA B 23 -19.96 -17.11 4.59
C ALA B 23 -21.37 -17.30 4.06
N PRO B 24 -22.32 -16.44 4.48
CA PRO B 24 -23.69 -16.59 3.98
C PRO B 24 -23.66 -16.37 2.46
N GLU B 25 -24.30 -17.28 1.72
CA GLU B 25 -24.35 -17.25 0.26
C GLU B 25 -24.43 -15.90 -0.43
N HIS B 26 -25.16 -14.95 0.16
CA HIS B 26 -25.30 -13.63 -0.45
C HIS B 26 -24.15 -12.68 -0.14
N THR B 27 -23.10 -13.18 0.49
CA THR B 27 -21.98 -12.33 0.85
C THR B 27 -20.61 -12.96 0.56
N SER B 28 -19.57 -12.18 0.83
CA SER B 28 -18.20 -12.63 0.61
C SER B 28 -17.39 -12.23 1.84
N VAL B 29 -16.77 -13.22 2.47
CA VAL B 29 -15.94 -12.93 3.63
C VAL B 29 -14.51 -13.34 3.29
N TYR B 30 -13.60 -12.38 3.46
CA TYR B 30 -12.18 -12.62 3.21
C TYR B 30 -11.48 -12.55 4.55
N VAL B 31 -10.30 -13.14 4.63
CA VAL B 31 -9.55 -13.14 5.87
C VAL B 31 -8.08 -12.88 5.57
N LYS B 32 -7.43 -12.07 6.40
CA LYS B 32 -6.02 -11.77 6.23
C LYS B 32 -5.28 -12.71 7.17
N VAL B 33 -4.55 -13.67 6.59
CA VAL B 33 -3.82 -14.68 7.35
C VAL B 33 -2.42 -14.25 7.80
N GLU B 34 -2.36 -13.63 8.98
CA GLU B 34 -1.10 -13.15 9.55
C GLU B 34 -0.14 -14.24 10.05
N SER B 35 -0.57 -15.49 9.99
CA SER B 35 0.26 -16.60 10.45
C SER B 35 1.35 -16.89 9.42
N PHE B 36 1.26 -16.24 8.26
CA PHE B 36 2.27 -16.41 7.23
C PHE B 36 3.52 -15.61 7.59
N ASN B 37 3.41 -14.78 8.62
CA ASN B 37 4.56 -14.00 9.08
C ASN B 37 5.53 -15.04 9.65
N PRO B 38 6.85 -14.79 9.51
CA PRO B 38 7.82 -15.77 10.01
C PRO B 38 7.63 -16.16 11.48
N GLY B 39 7.27 -15.17 12.30
CA GLY B 39 7.04 -15.44 13.71
C GLY B 39 5.70 -16.10 13.95
N GLY B 40 4.90 -16.22 12.88
CA GLY B 40 3.59 -16.86 13.00
C GLY B 40 2.48 -15.98 13.55
N SER B 41 2.64 -14.67 13.46
CA SER B 41 1.61 -13.77 13.97
C SER B 41 1.80 -12.35 13.48
N VAL B 42 0.75 -11.55 13.60
CA VAL B 42 0.77 -10.15 13.19
C VAL B 42 1.79 -9.33 13.99
N ALA B 43 2.20 -9.85 15.14
CA ALA B 43 3.14 -9.17 16.03
C ALA B 43 4.52 -8.93 15.40
N ASP B 44 4.81 -9.65 14.32
CA ASP B 44 6.08 -9.50 13.62
C ASP B 44 6.23 -8.07 13.10
N ARG B 45 5.12 -7.50 12.66
CA ARG B 45 5.08 -6.13 12.13
C ARG B 45 5.54 -5.13 13.18
N LEU B 46 4.95 -5.24 14.37
CA LEU B 46 5.27 -4.37 15.50
C LEU B 46 6.72 -4.55 15.93
N ALA B 47 7.10 -5.80 16.14
CA ALA B 47 8.44 -6.12 16.61
C ALA B 47 9.50 -5.46 15.74
N LEU B 48 9.44 -5.68 14.43
CA LEU B 48 10.40 -5.09 13.51
C LEU B 48 10.31 -3.56 13.54
N SER B 49 9.10 -3.04 13.42
CA SER B 49 8.92 -1.60 13.41
C SER B 49 9.58 -0.91 14.58
N VAL B 50 9.26 -1.35 15.79
CA VAL B 50 9.80 -0.74 17.00
C VAL B 50 11.32 -0.83 17.11
N VAL B 51 11.89 -1.97 16.74
CA VAL B 51 13.33 -2.12 16.81
C VAL B 51 14.04 -1.21 15.79
N LEU B 52 13.52 -1.16 14.56
CA LEU B 52 14.11 -0.33 13.52
C LEU B 52 14.01 1.15 13.87
N ASP B 53 12.87 1.54 14.44
CA ASP B 53 12.64 2.91 14.82
C ASP B 53 13.61 3.28 15.94
N ALA B 54 13.79 2.36 16.88
CA ALA B 54 14.68 2.55 18.02
C ALA B 54 16.13 2.69 17.55
N GLU B 55 16.54 1.84 16.62
CA GLU B 55 17.89 1.90 16.11
C GLU B 55 18.09 3.27 15.48
N ALA B 56 17.11 3.69 14.68
CA ALA B 56 17.16 4.97 13.98
C ALA B 56 17.23 6.13 14.97
N LYS B 57 16.56 5.98 16.10
CA LYS B 57 16.53 7.01 17.12
C LYS B 57 17.83 7.01 17.91
N GLY B 58 18.63 5.96 17.72
CA GLY B 58 19.89 5.83 18.42
C GLY B 58 19.69 5.31 19.82
N LEU B 59 18.53 4.70 20.07
CA LEU B 59 18.22 4.15 21.37
C LEU B 59 18.57 2.67 21.50
N LEU B 60 18.87 2.03 20.38
CA LEU B 60 19.21 0.61 20.38
C LEU B 60 20.58 0.32 19.77
N LYS B 61 21.43 -0.36 20.53
CA LYS B 61 22.76 -0.73 20.07
C LYS B 61 22.87 -2.25 20.22
N PRO B 62 23.72 -2.90 19.42
CA PRO B 62 23.85 -4.36 19.53
C PRO B 62 24.19 -4.78 20.96
N GLY B 63 23.60 -5.89 21.41
CA GLY B 63 23.87 -6.38 22.75
C GLY B 63 22.91 -5.79 23.77
N ASP B 64 22.23 -4.71 23.41
CA ASP B 64 21.27 -4.08 24.29
C ASP B 64 20.15 -5.07 24.62
N THR B 65 19.44 -4.82 25.73
CA THR B 65 18.34 -5.70 26.13
C THR B 65 16.98 -5.02 25.99
N ILE B 66 16.06 -5.69 25.31
CA ILE B 66 14.70 -5.19 25.10
C ILE B 66 13.76 -5.88 26.08
N VAL B 67 12.97 -5.10 26.81
CA VAL B 67 12.04 -5.67 27.76
C VAL B 67 10.64 -5.20 27.38
N GLU B 68 9.65 -6.11 27.46
CA GLU B 68 8.28 -5.76 27.09
C GLU B 68 7.22 -6.62 27.76
N CYS B 69 6.08 -6.00 28.08
CA CYS B 69 4.97 -6.73 28.68
C CYS B 69 4.14 -7.21 27.51
N THR B 70 3.93 -8.52 27.40
CA THR B 70 3.22 -9.08 26.27
C THR B 70 2.24 -10.18 26.65
N SER B 71 1.21 -10.37 25.81
CA SER B 71 0.24 -11.43 26.03
C SER B 71 0.78 -12.67 25.32
N GLY B 72 1.98 -12.53 24.75
CA GLY B 72 2.60 -13.66 24.06
C GLY B 72 3.23 -13.42 22.70
N ASN B 73 2.37 -13.15 21.71
CA ASN B 73 2.84 -12.92 20.34
C ASN B 73 3.92 -11.86 20.18
N VAL B 74 3.80 -10.72 20.85
CA VAL B 74 4.84 -9.71 20.72
C VAL B 74 6.14 -10.21 21.36
N GLY B 75 6.03 -10.96 22.45
CA GLY B 75 7.21 -11.50 23.10
C GLY B 75 7.95 -12.43 22.16
N ILE B 76 7.19 -13.26 21.46
CA ILE B 76 7.76 -14.21 20.49
C ILE B 76 8.47 -13.45 19.37
N ALA B 77 7.73 -12.52 18.75
CA ALA B 77 8.26 -11.72 17.66
C ALA B 77 9.48 -10.90 18.03
N LEU B 78 9.42 -10.22 19.17
CA LEU B 78 10.53 -9.40 19.64
C LEU B 78 11.73 -10.32 19.92
N ALA B 79 11.45 -11.53 20.38
CA ALA B 79 12.51 -12.49 20.67
C ALA B 79 13.13 -12.88 19.33
N MET B 80 12.29 -13.10 18.33
CA MET B 80 12.75 -13.47 17.00
C MET B 80 13.67 -12.38 16.44
N VAL B 81 13.17 -11.14 16.44
CA VAL B 81 13.94 -10.02 15.92
C VAL B 81 15.26 -9.85 16.64
N ALA B 82 15.25 -9.99 17.96
CA ALA B 82 16.46 -9.86 18.77
C ALA B 82 17.48 -10.94 18.41
N ALA B 83 17.00 -12.15 18.15
CA ALA B 83 17.87 -13.26 17.78
C ALA B 83 18.52 -12.98 16.43
N ALA B 84 17.73 -12.45 15.51
CA ALA B 84 18.22 -12.14 14.17
C ALA B 84 19.13 -10.92 14.09
N ARG B 85 18.82 -9.87 14.85
CA ARG B 85 19.61 -8.64 14.82
C ARG B 85 20.67 -8.48 15.91
N GLY B 86 20.75 -9.43 16.82
CA GLY B 86 21.75 -9.36 17.87
C GLY B 86 21.43 -8.60 19.15
N TYR B 87 20.20 -8.71 19.62
CA TYR B 87 19.81 -8.05 20.86
C TYR B 87 19.37 -9.12 21.85
N ARG B 88 19.26 -8.73 23.10
CA ARG B 88 18.81 -9.63 24.14
C ARG B 88 17.37 -9.24 24.35
N PHE B 89 16.54 -10.18 24.79
CA PHE B 89 15.14 -9.87 25.03
C PHE B 89 14.58 -10.49 26.30
N VAL B 90 13.74 -9.73 27.01
CA VAL B 90 13.11 -10.19 28.24
C VAL B 90 11.61 -9.93 28.17
N ALA B 91 10.81 -10.99 28.19
CA ALA B 91 9.36 -10.85 28.14
C ALA B 91 8.71 -10.88 29.52
N VAL B 92 7.81 -9.94 29.77
CA VAL B 92 7.07 -9.91 31.03
C VAL B 92 5.69 -10.40 30.59
N MET B 93 5.27 -11.56 31.08
CA MET B 93 3.99 -12.11 30.64
C MET B 93 3.14 -12.75 31.74
N GLY B 94 1.83 -12.59 31.63
CA GLY B 94 0.91 -13.17 32.60
C GLY B 94 1.05 -14.67 32.61
N ASP B 95 0.99 -15.28 33.79
CA ASP B 95 1.14 -16.73 33.89
C ASP B 95 -0.01 -17.56 33.34
N THR B 96 -1.08 -16.91 32.89
CA THR B 96 -2.22 -17.63 32.35
C THR B 96 -2.18 -17.81 30.83
N TYR B 97 -1.29 -17.10 30.15
CA TYR B 97 -1.18 -17.22 28.70
C TYR B 97 -0.60 -18.60 28.34
N SER B 98 -0.98 -19.13 27.18
CA SER B 98 -0.56 -20.47 26.77
C SER B 98 0.92 -20.80 26.89
N VAL B 99 1.20 -22.01 27.35
CA VAL B 99 2.58 -22.47 27.53
C VAL B 99 3.38 -22.39 26.24
N GLU B 100 2.73 -22.56 25.10
CA GLU B 100 3.42 -22.47 23.83
C GLU B 100 4.18 -21.14 23.73
N ARG B 101 3.50 -20.05 24.08
CA ARG B 101 4.11 -18.73 24.04
C ARG B 101 5.40 -18.70 24.86
N ARG B 102 5.37 -19.31 26.05
CA ARG B 102 6.55 -19.38 26.91
C ARG B 102 7.69 -20.15 26.23
N LYS B 103 7.33 -21.28 25.61
CA LYS B 103 8.33 -22.12 24.94
C LYS B 103 8.93 -21.42 23.74
N LEU B 104 8.06 -20.82 22.92
CA LEU B 104 8.50 -20.12 21.73
C LEU B 104 9.43 -18.97 22.07
N ILE B 105 9.10 -18.24 23.14
CA ILE B 105 9.95 -17.13 23.56
C ILE B 105 11.34 -17.67 23.93
N ARG B 106 11.36 -18.81 24.62
CA ARG B 106 12.61 -19.46 25.03
C ARG B 106 13.36 -19.97 23.80
N ALA B 107 12.60 -20.41 22.80
CA ALA B 107 13.17 -20.95 21.57
C ALA B 107 14.06 -19.93 20.85
N TYR B 108 13.66 -18.67 20.88
CA TYR B 108 14.44 -17.62 20.22
C TYR B 108 15.49 -17.04 21.15
N GLY B 109 15.60 -17.61 22.35
CA GLY B 109 16.58 -17.15 23.32
C GLY B 109 16.15 -16.03 24.24
N GLY B 110 14.85 -15.79 24.30
CA GLY B 110 14.37 -14.71 25.15
C GLY B 110 14.27 -15.11 26.61
N LYS B 111 14.38 -14.13 27.49
CA LYS B 111 14.27 -14.38 28.92
C LYS B 111 12.77 -14.30 29.22
N LEU B 112 12.35 -14.86 30.35
CA LEU B 112 10.95 -14.89 30.71
C LEU B 112 10.65 -14.52 32.15
N VAL B 113 9.82 -13.49 32.35
CA VAL B 113 9.43 -13.03 33.68
C VAL B 113 7.90 -13.15 33.80
N LEU B 114 7.44 -14.12 34.59
CA LEU B 114 5.99 -14.33 34.77
C LEU B 114 5.42 -13.56 35.95
N PHE B 115 4.11 -13.32 35.91
CA PHE B 115 3.40 -12.61 36.97
C PHE B 115 1.91 -13.02 36.96
N PRO B 116 1.23 -12.92 38.12
CA PRO B 116 -0.19 -13.29 38.23
C PRO B 116 -1.09 -12.66 37.16
N GLY B 117 -1.49 -13.49 36.20
CA GLY B 117 -2.32 -13.05 35.10
C GLY B 117 -3.52 -12.18 35.44
N HIS B 118 -4.10 -12.36 36.62
CA HIS B 118 -5.26 -11.57 37.03
C HIS B 118 -4.97 -10.07 37.13
N LEU B 119 -3.69 -9.69 37.18
CA LEU B 119 -3.32 -8.29 37.27
C LEU B 119 -3.42 -7.62 35.89
N GLY B 120 -3.58 -8.45 34.85
CA GLY B 120 -3.69 -7.93 33.50
C GLY B 120 -2.46 -7.19 33.02
N SER B 121 -2.51 -6.68 31.80
CA SER B 121 -1.39 -5.95 31.23
C SER B 121 -0.99 -4.71 31.99
N LYS B 122 -1.90 -4.17 32.80
CA LYS B 122 -1.54 -2.98 33.56
C LYS B 122 -0.46 -3.36 34.57
N GLY B 123 -0.62 -4.54 35.16
CA GLY B 123 0.35 -5.02 36.14
C GLY B 123 1.67 -5.37 35.50
N GLY B 124 1.61 -6.04 34.35
CA GLY B 124 2.84 -6.39 33.65
C GLY B 124 3.61 -5.19 33.17
N ASN B 125 2.90 -4.15 32.75
CA ASN B 125 3.56 -2.94 32.27
C ASN B 125 4.38 -2.34 33.39
N LEU B 126 3.80 -2.30 34.59
CA LEU B 126 4.49 -1.75 35.74
C LEU B 126 5.77 -2.56 36.00
N ILE B 127 5.67 -3.88 35.92
CA ILE B 127 6.83 -4.74 36.14
C ILE B 127 7.90 -4.42 35.10
N ALA B 128 7.55 -4.52 33.82
CA ALA B 128 8.50 -4.25 32.76
C ALA B 128 9.15 -2.89 32.96
N ASP B 129 8.37 -1.91 33.42
CA ASP B 129 8.88 -0.57 33.64
C ASP B 129 9.96 -0.53 34.73
N GLU B 130 9.68 -1.16 35.86
CA GLU B 130 10.63 -1.19 36.97
C GLU B 130 11.93 -1.86 36.53
N LEU B 131 11.80 -2.99 35.85
CA LEU B 131 12.97 -3.74 35.39
C LEU B 131 13.87 -2.87 34.52
N ALA B 132 13.26 -2.20 33.54
CA ALA B 132 13.99 -1.33 32.63
C ALA B 132 14.69 -0.22 33.43
N GLU B 133 13.96 0.36 34.38
CA GLU B 133 14.52 1.43 35.20
C GLU B 133 15.69 0.88 36.02
N LYS B 134 15.51 -0.32 36.55
CA LYS B 134 16.54 -0.96 37.36
C LYS B 134 17.81 -1.32 36.58
N TYR B 135 17.65 -1.94 35.43
CA TYR B 135 18.80 -2.37 34.65
C TYR B 135 19.10 -1.59 33.37
N GLY B 136 18.36 -0.49 33.15
CA GLY B 136 18.59 0.32 31.97
C GLY B 136 18.25 -0.35 30.64
N TRP B 137 17.26 -1.25 30.65
CA TRP B 137 16.85 -1.94 29.44
C TRP B 137 15.98 -1.04 28.59
N PHE B 138 15.89 -1.35 27.30
CA PHE B 138 15.06 -0.56 26.39
C PHE B 138 13.62 -1.06 26.47
N ARG B 139 12.67 -0.13 26.59
CA ARG B 139 11.26 -0.50 26.67
C ARG B 139 10.58 -0.28 25.32
N ALA B 140 9.96 -1.32 24.80
CA ALA B 140 9.27 -1.25 23.52
C ALA B 140 7.98 -0.43 23.63
N ARG B 141 7.37 -0.45 24.81
CA ARG B 141 6.13 0.28 25.06
C ARG B 141 5.17 0.10 23.89
N GLN B 142 4.74 -1.14 23.64
CA GLN B 142 3.84 -1.40 22.52
C GLN B 142 2.49 -0.69 22.61
N PHE B 143 2.03 -0.37 23.81
CA PHE B 143 0.75 0.30 23.93
C PHE B 143 0.81 1.81 23.73
N ASP B 144 2.02 2.34 23.57
CA ASP B 144 2.17 3.78 23.39
C ASP B 144 3.15 4.20 22.31
N ASN B 145 3.85 3.23 21.75
CA ASN B 145 4.84 3.50 20.73
C ASN B 145 4.22 3.75 19.35
N PRO B 146 4.38 4.97 18.83
CA PRO B 146 3.85 5.37 17.51
C PRO B 146 4.31 4.46 16.37
N ALA B 147 5.48 3.87 16.52
CA ALA B 147 6.02 2.96 15.50
C ALA B 147 5.14 1.72 15.35
N ASN B 148 4.25 1.50 16.30
CA ASN B 148 3.36 0.35 16.26
C ASN B 148 2.30 0.54 15.17
N PRO B 149 1.42 1.54 15.33
CA PRO B 149 0.39 1.76 14.31
C PRO B 149 0.92 2.24 12.95
N SER B 150 2.06 2.94 12.97
CA SER B 150 2.62 3.45 11.72
C SER B 150 3.00 2.31 10.79
N TYR B 151 3.58 1.24 11.32
CA TYR B 151 3.95 0.13 10.46
C TYR B 151 2.71 -0.50 9.85
N HIS B 152 1.60 -0.45 10.59
CA HIS B 152 0.34 -1.00 10.11
C HIS B 152 -0.23 -0.07 9.04
N ARG B 153 -0.04 1.23 9.20
CA ARG B 153 -0.51 2.18 8.21
C ARG B 153 0.21 1.95 6.88
N GLU B 154 1.50 1.66 6.96
CA GLU B 154 2.32 1.49 5.76
C GLU B 154 2.36 0.11 5.10
N THR B 155 2.10 -0.94 5.86
CA THR B 155 2.13 -2.28 5.30
C THR B 155 0.77 -2.96 5.34
N THR B 156 0.29 -3.27 6.54
CA THR B 156 -0.99 -3.93 6.69
C THR B 156 -2.07 -3.21 5.88
N ALA B 157 -2.12 -1.90 6.03
CA ALA B 157 -3.09 -1.07 5.31
C ALA B 157 -2.86 -1.08 3.81
N SER B 158 -1.58 -1.00 3.42
CA SER B 158 -1.19 -0.99 2.02
C SER B 158 -1.49 -2.30 1.30
N GLU B 159 -1.46 -3.41 2.04
CA GLU B 159 -1.72 -4.73 1.48
C GLU B 159 -3.22 -4.91 1.23
N ILE B 160 -4.02 -4.43 2.19
CA ILE B 160 -5.46 -4.53 2.11
C ILE B 160 -5.99 -3.65 0.99
N LEU B 161 -5.52 -2.39 0.95
CA LEU B 161 -5.94 -1.45 -0.07
C LEU B 161 -5.56 -1.91 -1.47
N ALA B 162 -4.33 -2.41 -1.63
CA ALA B 162 -3.86 -2.90 -2.93
C ALA B 162 -4.70 -4.06 -3.43
N ASP B 163 -4.91 -5.04 -2.55
CA ASP B 163 -5.69 -6.22 -2.87
C ASP B 163 -7.15 -5.93 -3.23
N PHE B 164 -7.72 -4.89 -2.64
CA PHE B 164 -9.13 -4.57 -2.92
C PHE B 164 -9.33 -3.38 -3.87
N ALA B 165 -8.24 -2.87 -4.43
CA ALA B 165 -8.32 -1.74 -5.37
C ALA B 165 -9.24 -2.10 -6.53
N GLY B 166 -10.24 -1.24 -6.78
CA GLY B 166 -11.18 -1.50 -7.86
C GLY B 166 -12.17 -2.61 -7.53
N LYS B 167 -12.19 -3.04 -6.29
CA LYS B 167 -13.08 -4.11 -5.85
C LYS B 167 -13.97 -3.63 -4.71
N ARG B 168 -15.10 -4.28 -4.53
CA ARG B 168 -16.02 -3.89 -3.47
C ARG B 168 -15.58 -4.39 -2.10
N LEU B 169 -15.69 -3.52 -1.09
CA LEU B 169 -15.33 -3.86 0.29
C LEU B 169 -16.21 -3.01 1.21
N ASP B 170 -16.97 -3.65 2.08
CA ASP B 170 -17.88 -2.93 2.95
C ASP B 170 -17.53 -2.89 4.44
N HIS B 171 -16.94 -3.97 4.94
CA HIS B 171 -16.60 -4.03 6.36
C HIS B 171 -15.21 -4.58 6.64
N PHE B 172 -14.52 -3.98 7.61
CA PHE B 172 -13.20 -4.44 8.01
C PHE B 172 -13.33 -4.77 9.50
N VAL B 173 -13.12 -6.03 9.86
CA VAL B 173 -13.26 -6.47 11.25
C VAL B 173 -11.96 -6.85 11.96
N THR B 174 -11.77 -6.30 13.14
CA THR B 174 -10.58 -6.59 13.92
C THR B 174 -10.83 -6.45 15.42
N GLY B 175 -10.04 -7.17 16.21
CA GLY B 175 -10.16 -7.06 17.65
C GLY B 175 -8.99 -6.17 18.00
N PHE B 176 -8.70 -5.97 19.27
CA PHE B 176 -7.56 -5.13 19.61
C PHE B 176 -6.89 -5.42 20.94
N GLY B 177 -5.57 -5.30 20.92
CA GLY B 177 -4.77 -5.49 22.11
C GLY B 177 -4.24 -4.08 22.31
N THR B 178 -3.18 -3.76 21.59
CA THR B 178 -2.59 -2.43 21.66
C THR B 178 -3.49 -1.46 20.86
N THR B 179 -4.20 -2.00 19.87
CA THR B 179 -5.08 -1.27 18.93
C THR B 179 -4.23 -0.75 17.78
N GLY B 180 -3.00 -1.24 17.70
CA GLY B 180 -2.13 -0.81 16.63
C GLY B 180 -2.69 -1.15 15.25
N THR B 181 -3.17 -2.37 15.09
CA THR B 181 -3.74 -2.77 13.80
C THR B 181 -5.00 -1.95 13.49
N LEU B 182 -5.90 -1.93 14.45
CA LEU B 182 -7.15 -1.19 14.33
C LEU B 182 -6.91 0.29 13.96
N THR B 183 -6.05 0.95 14.73
CA THR B 183 -5.74 2.36 14.52
C THR B 183 -5.07 2.63 13.16
N GLY B 184 -3.95 1.95 12.93
CA GLY B 184 -3.21 2.14 11.69
C GLY B 184 -3.98 1.86 10.41
N VAL B 185 -4.71 0.73 10.35
CA VAL B 185 -5.47 0.42 9.14
C VAL B 185 -6.69 1.32 9.05
N GLY B 186 -7.35 1.56 10.19
CA GLY B 186 -8.52 2.41 10.20
C GLY B 186 -8.23 3.82 9.74
N GLN B 187 -7.04 4.32 10.06
CA GLN B 187 -6.67 5.67 9.67
C GLN B 187 -6.41 5.79 8.17
N MET B 188 -5.96 4.71 7.56
CA MET B 188 -5.70 4.72 6.12
C MET B 188 -7.02 4.48 5.38
N LEU B 189 -7.84 3.59 5.91
CA LEU B 189 -9.13 3.30 5.30
C LEU B 189 -9.94 4.59 5.24
N ARG B 190 -9.94 5.31 6.36
CA ARG B 190 -10.65 6.57 6.47
C ARG B 190 -10.37 7.46 5.27
N VAL B 191 -9.10 7.62 4.91
CA VAL B 191 -8.74 8.48 3.79
C VAL B 191 -9.02 7.86 2.42
N ALA B 192 -8.56 6.64 2.22
CA ALA B 192 -8.72 5.94 0.93
C ALA B 192 -10.12 5.40 0.63
N ARG B 193 -10.77 4.80 1.63
CA ARG B 193 -12.10 4.22 1.45
C ARG B 193 -12.98 4.53 2.65
N PRO B 194 -13.40 5.79 2.80
CA PRO B 194 -14.24 6.20 3.93
C PRO B 194 -15.56 5.42 4.06
N GLU B 195 -16.00 4.80 2.98
CA GLU B 195 -17.25 4.03 2.99
C GLU B 195 -17.15 2.68 3.70
N VAL B 196 -15.93 2.18 3.85
CA VAL B 196 -15.73 0.90 4.52
C VAL B 196 -15.97 1.09 6.00
N ARG B 197 -16.83 0.24 6.58
CA ARG B 197 -17.10 0.33 8.00
C ARG B 197 -16.01 -0.39 8.79
N VAL B 198 -15.40 0.33 9.72
CA VAL B 198 -14.35 -0.24 10.56
C VAL B 198 -15.06 -0.77 11.80
N VAL B 199 -15.04 -2.09 11.96
CA VAL B 199 -15.70 -2.75 13.07
C VAL B 199 -14.69 -3.22 14.09
N ALA B 200 -14.83 -2.76 15.33
CA ALA B 200 -13.91 -3.16 16.40
C ALA B 200 -14.62 -3.98 17.48
N LEU B 201 -14.23 -5.23 17.63
CA LEU B 201 -14.84 -6.09 18.64
C LEU B 201 -13.99 -6.21 19.90
N GLU B 202 -14.66 -6.52 21.01
CA GLU B 202 -14.00 -6.73 22.30
C GLU B 202 -14.64 -7.98 22.88
N PRO B 203 -13.91 -8.70 23.73
CA PRO B 203 -14.51 -9.92 24.32
C PRO B 203 -15.71 -9.50 25.16
N SER B 204 -16.79 -10.27 25.07
CA SER B 204 -18.00 -9.96 25.82
C SER B 204 -17.75 -9.70 27.30
N ASN B 205 -16.80 -10.46 27.87
CA ASN B 205 -16.45 -10.35 29.29
C ASN B 205 -15.34 -9.34 29.63
N ALA B 206 -14.88 -8.58 28.64
CA ALA B 206 -13.83 -7.58 28.85
C ALA B 206 -14.07 -6.39 27.92
N ALA B 207 -15.29 -5.88 27.91
CA ALA B 207 -15.66 -4.75 27.07
C ALA B 207 -15.27 -3.43 27.71
N MET B 208 -14.00 -3.09 27.61
CA MET B 208 -13.47 -1.85 28.18
C MET B 208 -14.01 -0.57 27.53
N LEU B 209 -13.84 -0.46 26.22
CA LEU B 209 -14.30 0.73 25.50
C LEU B 209 -15.83 0.86 25.51
N ALA B 210 -16.53 -0.23 25.24
CA ALA B 210 -17.99 -0.19 25.20
C ALA B 210 -18.69 -0.13 26.57
N ARG B 211 -18.12 -0.79 27.57
CA ARG B 211 -18.77 -0.80 28.89
C ARG B 211 -17.90 -0.44 30.09
N GLY B 212 -16.65 -0.08 29.86
CA GLY B 212 -15.77 0.26 30.97
C GLY B 212 -15.54 -0.93 31.87
N GLU B 213 -15.67 -2.13 31.30
CA GLU B 213 -15.49 -3.35 32.06
C GLU B 213 -14.25 -4.14 31.63
N TRP B 214 -13.72 -4.93 32.56
CA TRP B 214 -12.58 -5.78 32.30
C TRP B 214 -12.49 -6.94 33.27
N SER B 215 -12.22 -8.12 32.74
CA SER B 215 -12.07 -9.33 33.52
C SER B 215 -11.16 -10.27 32.74
N PRO B 216 -10.39 -11.12 33.45
CA PRO B 216 -9.54 -12.03 32.68
C PRO B 216 -10.44 -12.77 31.68
N HIS B 217 -9.89 -13.11 30.52
CA HIS B 217 -10.68 -13.79 29.50
C HIS B 217 -9.80 -14.77 28.74
N GLN B 218 -10.41 -15.56 27.86
CA GLN B 218 -9.68 -16.54 27.09
C GLN B 218 -9.34 -16.19 25.65
N ILE B 219 -9.61 -14.96 25.24
CA ILE B 219 -9.26 -14.62 23.87
C ILE B 219 -7.90 -13.94 23.91
N GLN B 220 -6.88 -14.76 24.14
CA GLN B 220 -5.50 -14.31 24.24
C GLN B 220 -5.04 -13.34 23.16
N GLY B 221 -4.52 -12.21 23.61
CA GLY B 221 -4.04 -11.20 22.69
C GLY B 221 -4.92 -9.96 22.71
N LEU B 222 -6.15 -10.13 23.19
CA LEU B 222 -7.11 -9.04 23.24
C LEU B 222 -7.37 -8.45 24.61
N ALA B 223 -8.01 -7.29 24.59
CA ALA B 223 -8.45 -6.53 25.75
C ALA B 223 -7.58 -6.35 26.99
N PRO B 224 -6.65 -5.39 26.94
CA PRO B 224 -5.82 -5.18 28.14
C PRO B 224 -6.73 -4.46 29.16
N ASN B 225 -6.31 -4.37 30.41
CA ASN B 225 -7.14 -3.69 31.41
C ASN B 225 -6.91 -2.17 31.50
N PHE B 226 -6.95 -1.51 30.35
CA PHE B 226 -6.77 -0.06 30.25
C PHE B 226 -6.94 0.34 28.78
N VAL B 227 -7.07 1.63 28.52
CA VAL B 227 -7.21 2.13 27.14
C VAL B 227 -5.82 2.53 26.67
N PRO B 228 -5.28 1.82 25.66
CA PRO B 228 -3.94 2.09 25.13
C PRO B 228 -3.75 3.49 24.55
N GLY B 229 -2.58 4.07 24.78
CA GLY B 229 -2.28 5.40 24.29
C GLY B 229 -2.33 5.57 22.78
N VAL B 230 -1.90 4.54 22.04
CA VAL B 230 -1.90 4.64 20.58
C VAL B 230 -3.29 4.66 19.93
N LEU B 231 -4.33 4.25 20.65
CA LEU B 231 -5.67 4.20 20.09
C LEU B 231 -6.27 5.52 19.59
N ASP B 232 -6.72 5.52 18.34
CA ASP B 232 -7.39 6.67 17.77
C ASP B 232 -8.84 6.20 17.74
N ARG B 233 -9.55 6.53 18.80
CA ARG B 233 -10.94 6.15 18.98
C ARG B 233 -11.86 6.55 17.82
N SER B 234 -11.52 7.63 17.15
CA SER B 234 -12.34 8.12 16.05
C SER B 234 -12.44 7.20 14.83
N VAL B 235 -11.48 6.31 14.65
CA VAL B 235 -11.52 5.41 13.49
C VAL B 235 -12.62 4.34 13.59
N ILE B 236 -13.15 4.11 14.78
CA ILE B 236 -14.16 3.08 14.97
C ILE B 236 -15.58 3.46 14.55
N ASP B 237 -16.17 2.66 13.69
CA ASP B 237 -17.54 2.90 13.23
C ASP B 237 -18.51 2.05 14.03
N ASP B 238 -18.16 0.77 14.18
CA ASP B 238 -18.97 -0.17 14.93
C ASP B 238 -18.15 -0.83 16.03
N LEU B 239 -18.58 -0.65 17.26
CA LEU B 239 -17.91 -1.26 18.41
C LEU B 239 -18.84 -2.35 18.91
N VAL B 240 -18.41 -3.60 18.74
CA VAL B 240 -19.23 -4.74 19.15
C VAL B 240 -18.50 -5.71 20.07
N THR B 241 -19.23 -6.71 20.56
CA THR B 241 -18.64 -7.70 21.44
C THR B 241 -18.82 -9.09 20.85
N MET B 242 -17.97 -10.01 21.28
CA MET B 242 -18.02 -11.39 20.83
C MET B 242 -17.61 -12.20 22.05
N ASP B 243 -18.30 -13.29 22.32
CA ASP B 243 -17.96 -14.11 23.47
C ASP B 243 -16.87 -15.09 23.10
N GLU B 244 -16.00 -15.39 24.07
CA GLU B 244 -14.87 -16.28 23.87
C GLU B 244 -15.19 -17.71 23.43
N VAL B 245 -16.38 -18.20 23.76
CA VAL B 245 -16.74 -19.56 23.36
C VAL B 245 -17.11 -19.57 21.89
N THR B 246 -17.86 -18.56 21.44
CA THR B 246 -18.23 -18.47 20.05
C THR B 246 -16.95 -18.32 19.21
N ALA B 247 -15.99 -17.56 19.74
CA ALA B 247 -14.71 -17.35 19.05
C ALA B 247 -13.97 -18.67 18.87
N ARG B 248 -13.92 -19.45 19.94
CA ARG B 248 -13.26 -20.75 19.94
C ARG B 248 -13.92 -21.69 18.93
N ASP B 249 -15.25 -21.71 18.94
CA ASP B 249 -16.02 -22.57 18.05
C ASP B 249 -15.86 -22.18 16.59
N THR B 250 -15.67 -20.89 16.35
CA THR B 250 -15.51 -20.38 14.99
C THR B 250 -14.10 -20.67 14.47
N SER B 251 -13.11 -20.65 15.37
CA SER B 251 -11.75 -20.96 14.95
C SER B 251 -11.74 -22.44 14.52
N ARG B 252 -12.48 -23.27 15.25
CA ARG B 252 -12.56 -24.68 14.96
C ARG B 252 -13.15 -24.87 13.58
N ARG B 253 -14.26 -24.18 13.31
CA ARG B 253 -14.92 -24.25 12.02
C ARG B 253 -13.96 -23.87 10.90
N LEU B 254 -13.20 -22.80 11.12
CA LEU B 254 -12.25 -22.32 10.12
C LEU B 254 -11.28 -23.44 9.74
N ALA B 255 -10.81 -24.16 10.76
CA ALA B 255 -9.86 -25.24 10.54
C ALA B 255 -10.47 -26.44 9.82
N ALA B 256 -11.58 -26.96 10.35
CA ALA B 256 -12.24 -28.14 9.77
C ALA B 256 -13.09 -27.90 8.53
N GLU B 257 -13.53 -26.67 8.30
CA GLU B 257 -14.37 -26.38 7.15
C GLU B 257 -13.68 -25.58 6.03
N GLU B 258 -12.59 -24.89 6.37
CA GLU B 258 -11.89 -24.08 5.39
C GLU B 258 -10.40 -24.37 5.23
N GLY B 259 -9.84 -25.21 6.11
CA GLY B 259 -8.43 -25.51 6.01
C GLY B 259 -7.57 -24.40 6.58
N ILE B 260 -8.17 -23.51 7.35
CA ILE B 260 -7.45 -22.38 7.96
C ILE B 260 -7.37 -22.50 9.49
N PHE B 261 -6.17 -22.79 9.99
CA PHE B 261 -5.93 -22.97 11.41
C PHE B 261 -5.37 -21.69 12.03
N ALA B 262 -6.22 -20.95 12.73
CA ALA B 262 -5.81 -19.70 13.36
C ALA B 262 -6.14 -19.66 14.85
N GLY B 263 -5.76 -18.56 15.51
CA GLY B 263 -5.99 -18.41 16.93
C GLY B 263 -7.40 -18.06 17.37
N ILE B 264 -7.56 -17.85 18.68
CA ILE B 264 -8.86 -17.52 19.27
C ILE B 264 -9.34 -16.17 18.76
N SER B 265 -8.47 -15.17 18.76
CA SER B 265 -8.87 -13.86 18.29
C SER B 265 -9.30 -13.94 16.82
N ALA B 266 -8.67 -14.83 16.06
CA ALA B 266 -9.00 -15.01 14.65
C ALA B 266 -10.44 -15.52 14.54
N GLY B 267 -10.80 -16.45 15.43
CA GLY B 267 -12.14 -16.98 15.43
C GLY B 267 -13.13 -15.91 15.90
N ALA B 268 -12.65 -14.99 16.74
CA ALA B 268 -13.50 -13.92 17.23
C ALA B 268 -13.90 -12.95 16.11
N THR B 269 -12.91 -12.50 15.34
CA THR B 269 -13.16 -11.57 14.24
C THR B 269 -14.02 -12.20 13.14
N VAL B 270 -13.76 -13.45 12.81
CA VAL B 270 -14.53 -14.13 11.78
C VAL B 270 -15.98 -14.29 12.24
N ALA B 271 -16.17 -14.68 13.50
CA ALA B 271 -17.50 -14.84 14.07
C ALA B 271 -18.28 -13.53 13.98
N THR B 272 -17.59 -12.42 14.25
CA THR B 272 -18.23 -11.10 14.18
C THR B 272 -18.61 -10.83 12.73
N ALA B 273 -17.66 -11.07 11.83
CA ALA B 273 -17.88 -10.84 10.41
C ALA B 273 -19.08 -11.66 9.92
N LEU B 274 -19.17 -12.89 10.40
CA LEU B 274 -20.27 -13.77 9.99
C LEU B 274 -21.60 -13.26 10.51
N SER B 275 -21.57 -12.68 11.70
CA SER B 275 -22.78 -12.13 12.32
C SER B 275 -23.32 -10.96 11.50
N ILE B 276 -22.42 -10.09 11.05
CA ILE B 276 -22.80 -8.93 10.25
C ILE B 276 -23.29 -9.41 8.88
N ALA B 277 -22.55 -10.34 8.30
CA ALA B 277 -22.89 -10.89 7.00
C ALA B 277 -24.32 -11.45 6.95
N GLU B 278 -24.68 -12.24 7.96
CA GLU B 278 -26.00 -12.87 8.02
C GLU B 278 -27.15 -11.91 7.72
N HIS B 279 -27.11 -10.73 8.32
CA HIS B 279 -28.16 -9.73 8.11
C HIS B 279 -27.67 -8.54 7.28
N ALA B 280 -26.78 -8.79 6.33
CA ALA B 280 -26.27 -7.72 5.47
C ALA B 280 -26.81 -7.88 4.05
N PRO B 281 -26.91 -6.78 3.30
CA PRO B 281 -27.43 -6.83 1.92
C PRO B 281 -26.59 -7.69 0.99
N GLU B 282 -27.21 -8.10 -0.11
CA GLU B 282 -26.54 -8.92 -1.12
C GLU B 282 -25.30 -8.21 -1.64
N GLY B 283 -24.25 -8.97 -1.91
CA GLY B 283 -23.02 -8.38 -2.42
C GLY B 283 -22.04 -7.93 -1.35
N THR B 284 -22.53 -7.73 -0.11
CA THR B 284 -21.68 -7.28 0.97
C THR B 284 -20.38 -8.10 1.06
N VAL B 285 -19.26 -7.39 1.07
CA VAL B 285 -17.93 -8.01 1.16
C VAL B 285 -17.29 -7.57 2.48
N LEU B 286 -16.84 -8.54 3.27
CA LEU B 286 -16.20 -8.23 4.56
C LEU B 286 -14.80 -8.82 4.65
N LEU B 287 -13.93 -8.15 5.40
CA LEU B 287 -12.56 -8.61 5.62
C LEU B 287 -12.31 -8.72 7.12
N ALA B 288 -11.85 -9.89 7.55
CA ALA B 288 -11.55 -10.12 8.96
C ALA B 288 -10.08 -10.49 9.14
N MET B 289 -9.45 -9.98 10.19
CA MET B 289 -8.05 -10.29 10.47
C MET B 289 -7.90 -11.57 11.27
N LEU B 290 -6.92 -12.39 10.90
CA LEU B 290 -6.59 -13.64 11.60
C LEU B 290 -5.18 -13.35 12.13
N PRO B 291 -5.07 -12.83 13.36
CA PRO B 291 -3.80 -12.50 13.99
C PRO B 291 -2.68 -13.53 14.10
N ASP B 292 -3.01 -14.79 14.37
CA ASP B 292 -1.95 -15.78 14.48
C ASP B 292 -2.35 -17.20 14.17
N THR B 293 -1.36 -18.09 14.16
CA THR B 293 -1.57 -19.50 13.90
C THR B 293 -2.23 -20.16 15.11
N GLY B 294 -3.01 -21.20 14.85
CA GLY B 294 -3.64 -21.91 15.95
C GLY B 294 -2.64 -22.79 16.70
N GLU B 295 -1.45 -22.95 16.13
CA GLU B 295 -0.43 -23.81 16.74
C GLU B 295 0.00 -23.49 18.16
N ARG B 296 -0.17 -22.25 18.61
CA ARG B 296 0.20 -21.89 19.97
C ARG B 296 -0.98 -21.97 20.93
N TYR B 297 -1.98 -22.78 20.54
CA TYR B 297 -3.19 -22.93 21.34
C TYR B 297 -3.57 -24.39 21.60
N LEU B 298 -2.67 -25.31 21.31
CA LEU B 298 -2.95 -26.73 21.52
C LEU B 298 -3.29 -27.04 22.98
N SER B 299 -2.69 -26.29 23.91
CA SER B 299 -2.90 -26.51 25.34
C SER B 299 -4.03 -25.69 25.95
N THR B 300 -4.76 -24.95 25.12
CA THR B 300 -5.85 -24.10 25.59
C THR B 300 -7.22 -24.74 25.40
N PHE B 301 -8.28 -23.99 25.72
CA PHE B 301 -9.63 -24.52 25.59
C PHE B 301 -10.03 -24.75 24.16
N LEU B 302 -9.18 -24.32 23.23
CA LEU B 302 -9.46 -24.50 21.83
C LEU B 302 -9.48 -26.00 21.55
N PHE B 303 -8.82 -26.75 22.42
CA PHE B 303 -8.76 -28.19 22.25
C PHE B 303 -9.48 -28.98 23.35
N ASP B 304 -10.34 -28.31 24.11
CA ASP B 304 -11.10 -29.02 25.15
C ASP B 304 -11.85 -30.13 24.43
N GLY B 305 -11.81 -31.33 25.00
CA GLY B 305 -12.52 -32.45 24.41
C GLY B 305 -11.83 -33.17 23.26
N VAL B 306 -10.64 -32.72 22.88
CA VAL B 306 -9.91 -33.34 21.78
C VAL B 306 -9.36 -34.73 22.15
N ASP B 307 -9.57 -35.69 21.26
CA ASP B 307 -9.14 -37.06 21.45
C ASP B 307 -7.74 -37.30 20.90
N GLU B 308 -6.78 -37.59 21.77
CA GLU B 308 -5.40 -37.84 21.33
C GLU B 308 -5.12 -39.30 21.07
N GLY B 309 -6.13 -40.15 21.22
CA GLY B 309 -5.94 -41.57 21.01
C GLY B 309 -6.46 -42.06 19.68
N SER B 310 -6.13 -43.31 19.35
CA SER B 310 -6.57 -43.90 18.09
C SER B 310 -8.09 -43.98 18.04
N ASP B 311 -8.65 -43.90 16.84
CA ASP B 311 -10.10 -43.94 16.65
C ASP B 311 -10.64 -45.35 16.55
N ASP B 312 -10.28 -46.20 17.50
CA ASP B 312 -10.75 -47.59 17.49
C ASP B 312 -12.27 -47.65 17.57
N ALA B 313 -12.85 -46.71 18.32
CA ALA B 313 -14.29 -46.65 18.49
C ALA B 313 -14.91 -46.36 17.13
N TRP B 314 -14.42 -45.30 16.50
CA TRP B 314 -14.92 -44.90 15.18
C TRP B 314 -14.77 -46.06 14.22
N LEU B 315 -13.55 -46.58 14.08
CA LEU B 315 -13.29 -47.69 13.18
C LEU B 315 -14.24 -48.85 13.43
N ALA B 316 -14.65 -49.02 14.69
CA ALA B 316 -15.55 -50.09 15.08
C ALA B 316 -16.80 -50.08 14.19
N SER B 317 -17.21 -48.89 13.77
CA SER B 317 -18.38 -48.75 12.91
C SER B 317 -17.97 -48.90 11.45
N PUS C . -1.28 11.89 -18.88
CA PUS C . -2.77 12.12 -19.02
CB PUS C . -3.16 13.63 -18.79
OG PUS C . -2.44 14.50 -19.77
ND PUS C . -3.22 15.66 -20.11
CE PUS C . -2.71 16.90 -19.91
NZ2 PUS C . -1.68 17.07 -19.06
OZ1 PUS C . -3.17 17.84 -20.49
C PUS C . -3.19 11.70 -20.45
O PUS C . -2.50 10.93 -21.06
OT PUS C . -4.21 12.13 -20.94
C2 PUS C . 3.12 11.41 -18.46
C3 PUS C . 1.66 11.43 -18.61
C4 PUS C . 0.83 12.01 -17.54
C5 PUS C . 1.50 12.53 -16.34
C6 PUS C . 2.96 12.46 -16.28
C2A PUS C . 3.99 10.86 -19.55
C4A PUS C . -0.66 12.22 -17.73
C5A PUS C . 0.71 13.14 -15.20
N1 PUS C . 3.70 11.93 -17.32
O3 PUS C . 1.08 10.86 -19.69
O1P PUS C . -2.28 12.79 -14.67
O2P PUS C . -1.60 11.60 -12.75
O3P PUS C . -0.91 13.86 -13.05
O4P PUS C . 0.01 12.09 -14.44
P PUS C . -1.20 12.60 -13.73
N PUS D . -0.93 -9.09 20.94
CA PUS D . 0.01 -8.19 21.69
CB PUS D . -0.78 -7.31 22.73
OG PUS D . -1.58 -8.17 23.66
ND PUS D . -1.51 -7.64 25.01
CE PUS D . -2.65 -7.38 25.68
NZ2 PUS D . -3.84 -7.53 25.08
OZ1 PUS D . -2.59 -7.00 26.82
C PUS D . 1.07 -9.09 22.39
O PUS D . 1.40 -10.14 21.88
OT PUS D . 1.59 -8.73 23.43
C2 PUS D . -3.75 -11.75 18.87
C3 PUS D . -2.70 -10.92 19.48
C4 PUS D . -2.87 -9.45 19.46
C5 PUS D . -4.06 -8.87 18.82
C6 PUS D . -5.03 -9.79 18.22
C2A PUS D . -3.63 -13.24 18.88
C4A PUS D . -1.93 -8.56 20.22
C5A PUS D . -4.30 -7.36 18.78
N1 PUS D . -4.85 -11.16 18.28
O3 PUS D . -1.58 -11.48 20.00
O1P PUS D . -2.14 -5.27 19.30
O2P PUS D . -2.52 -4.63 17.06
O3P PUS D . -4.30 -4.59 18.61
O4P PUS D . -3.40 -6.71 17.83
P PUS D . -3.09 -5.30 18.20
#